data_1T4T
#
_entry.id   1T4T
#
_cell.length_a   88.300
_cell.length_b   88.300
_cell.length_c   113.100
_cell.angle_alpha   90.00
_cell.angle_beta   90.00
_cell.angle_gamma   120.00
#
_symmetry.space_group_name_H-M   'P 32'
#
loop_
_entity.id
_entity.type
_entity.pdbx_description
1 polymer 'Arginase 1'
2 non-polymer 'MANGANESE (II) ION'
3 non-polymer 3-{[(E)-AMINO(HYDROXYIMINO)METHYL]AMINO}ALANINE
4 water water
#
_entity_poly.entity_id   1
_entity_poly.type   'polypeptide(L)'
_entity_poly.pdbx_seq_one_letter_code
;KPIEIIGAPFSKGQPRGGVEKGPAALRKAGLVEKLKETEYNVRDHGDLAFVDVPNDSPFQIVKNPRSVGKANEQLAAVVA
ETQKNGTISVVLGGDHSMAIGSISGHARVHPDLCVIWVDAHTDINTPLTTSSGNLHGQPVAFLLKELKGKFPDVPGFSWV
TPCISAKDIVYIGLRDVDPGEHYIIKTLGIKYFSMTEVDKLGIGKVMEETFSYLLGRKKRPIHLSFDVDGLDPVFTPATG
TPVVGGLSYREGLYITEEIYKTGLLSGLDIMEVNPTLGKTPEEVTRTVNTAVALTLSCFGTKREGNHKPETDYL
;
_entity_poly.pdbx_strand_id   A,B,C
#
loop_
_chem_comp.id
_chem_comp.type
_chem_comp.name
_chem_comp.formula
MN non-polymer 'MANGANESE (II) ION' 'Mn 2'
#
# COMPACT_ATOMS: atom_id res chain seq x y z
N LYS A 1 25.20 -22.66 -9.74
CA LYS A 1 24.10 -23.66 -9.59
C LYS A 1 23.20 -23.69 -10.84
N PRO A 2 22.70 -24.88 -11.21
CA PRO A 2 21.83 -25.04 -12.39
C PRO A 2 20.35 -24.86 -12.08
N ILE A 3 19.62 -24.36 -13.07
CA ILE A 3 18.19 -24.14 -12.93
C ILE A 3 17.50 -24.84 -14.08
N GLU A 4 16.41 -25.54 -13.77
CA GLU A 4 15.67 -26.22 -14.82
C GLU A 4 14.21 -25.79 -14.81
N ILE A 5 13.81 -25.13 -15.90
CA ILE A 5 12.45 -24.67 -16.09
C ILE A 5 11.61 -25.78 -16.68
N ILE A 6 10.53 -26.15 -16.00
CA ILE A 6 9.65 -27.21 -16.48
C ILE A 6 8.23 -26.66 -16.67
N GLY A 7 7.77 -26.59 -17.92
CA GLY A 7 6.44 -26.10 -18.19
C GLY A 7 5.34 -27.12 -17.90
N ALA A 8 4.30 -26.69 -17.18
CA ALA A 8 3.18 -27.56 -16.82
C ALA A 8 1.87 -26.95 -17.31
N PRO A 9 1.64 -26.93 -18.63
CA PRO A 9 0.40 -26.36 -19.16
C PRO A 9 -0.80 -27.25 -18.88
N PHE A 10 -1.28 -27.21 -17.64
CA PHE A 10 -2.42 -28.00 -17.19
C PHE A 10 -3.50 -27.07 -16.65
N SER A 11 -4.76 -27.41 -16.89
CA SER A 11 -5.84 -26.56 -16.42
C SER A 11 -7.03 -27.30 -15.79
N LYS A 12 -7.01 -28.63 -15.80
CA LYS A 12 -8.12 -29.39 -15.23
C LYS A 12 -8.21 -29.34 -13.72
N GLY A 13 -7.34 -28.53 -13.10
CA GLY A 13 -7.35 -28.41 -11.66
C GLY A 13 -8.44 -27.45 -11.22
N GLN A 14 -9.02 -26.75 -12.20
CA GLN A 14 -10.09 -25.80 -11.93
C GLN A 14 -10.92 -25.56 -13.17
N PRO A 15 -12.12 -24.98 -13.01
CA PRO A 15 -13.06 -24.67 -14.09
C PRO A 15 -12.68 -23.68 -15.18
N ARG A 16 -11.88 -22.68 -14.86
CA ARG A 16 -11.51 -21.67 -15.84
C ARG A 16 -10.44 -22.07 -16.86
N GLY A 17 -10.82 -21.98 -18.14
CA GLY A 17 -9.89 -22.31 -19.20
C GLY A 17 -8.94 -21.18 -19.45
N GLY A 18 -7.68 -21.52 -19.71
CA GLY A 18 -6.70 -20.49 -19.98
C GLY A 18 -5.39 -20.61 -19.21
N VAL A 19 -5.43 -21.10 -17.96
CA VAL A 19 -4.20 -21.24 -17.18
C VAL A 19 -3.16 -22.08 -17.88
N GLU A 20 -3.60 -23.03 -18.72
CA GLU A 20 -2.66 -23.89 -19.43
C GLU A 20 -1.78 -23.05 -20.35
N LYS A 21 -2.19 -21.82 -20.62
CA LYS A 21 -1.43 -20.92 -21.48
C LYS A 21 -0.40 -20.15 -20.64
N GLY A 22 -0.47 -20.28 -19.33
CA GLY A 22 0.47 -19.60 -18.45
C GLY A 22 1.93 -19.72 -18.85
N PRO A 23 2.45 -20.94 -19.03
CA PRO A 23 3.86 -21.17 -19.42
C PRO A 23 4.29 -20.40 -20.69
N ALA A 24 3.46 -20.45 -21.73
CA ALA A 24 3.77 -19.74 -22.97
C ALA A 24 3.91 -18.22 -22.78
N ALA A 25 3.03 -17.63 -21.97
CA ALA A 25 3.08 -16.19 -21.72
C ALA A 25 4.34 -15.84 -20.94
N LEU A 26 4.64 -16.64 -19.92
CA LEU A 26 5.81 -16.43 -19.09
C LEU A 26 7.08 -16.47 -19.92
N ARG A 27 7.16 -17.41 -20.86
CA ARG A 27 8.33 -17.49 -21.73
C ARG A 27 8.35 -16.31 -22.69
N LYS A 28 7.20 -16.06 -23.33
CA LYS A 28 7.09 -14.95 -24.27
C LYS A 28 7.58 -13.65 -23.60
N ALA A 29 7.37 -13.55 -22.29
CA ALA A 29 7.79 -12.37 -21.56
C ALA A 29 9.30 -12.31 -21.37
N GLY A 30 10.00 -13.35 -21.80
CA GLY A 30 11.45 -13.38 -21.67
C GLY A 30 12.00 -14.00 -20.40
N LEU A 31 11.18 -14.75 -19.68
CA LEU A 31 11.61 -15.38 -18.43
C LEU A 31 12.94 -16.12 -18.56
N VAL A 32 13.07 -16.95 -19.59
CA VAL A 32 14.30 -17.73 -19.77
C VAL A 32 15.52 -16.87 -20.07
N GLU A 33 15.40 -15.97 -21.04
CA GLU A 33 16.53 -15.10 -21.37
C GLU A 33 16.96 -14.27 -20.16
N LYS A 34 15.99 -13.69 -19.45
CA LYS A 34 16.30 -12.87 -18.27
C LYS A 34 16.99 -13.69 -17.18
N LEU A 35 16.57 -14.95 -17.02
CA LEU A 35 17.17 -15.80 -16.01
C LEU A 35 18.62 -16.01 -16.35
N LYS A 36 18.89 -16.24 -17.63
CA LYS A 36 20.27 -16.48 -18.06
C LYS A 36 21.18 -15.31 -17.70
N GLU A 37 20.60 -14.13 -17.53
CA GLU A 37 21.42 -12.97 -17.19
C GLU A 37 21.84 -13.00 -15.74
N THR A 38 21.33 -13.96 -14.98
CA THR A 38 21.69 -14.08 -13.57
C THR A 38 22.94 -14.96 -13.45
N GLU A 39 23.36 -15.21 -12.22
CA GLU A 39 24.55 -16.03 -11.97
C GLU A 39 24.28 -17.54 -12.05
N TYR A 40 23.09 -17.92 -12.50
CA TYR A 40 22.76 -19.33 -12.57
C TYR A 40 22.77 -19.93 -13.95
N ASN A 41 22.99 -21.24 -14.01
CA ASN A 41 22.97 -21.93 -15.28
C ASN A 41 21.50 -22.23 -15.55
N VAL A 42 21.00 -21.85 -16.73
CA VAL A 42 19.60 -22.08 -17.04
C VAL A 42 19.33 -23.05 -18.18
N ARG A 43 18.49 -24.03 -17.91
CA ARG A 43 18.12 -25.00 -18.94
C ARG A 43 16.61 -25.08 -18.99
N ASP A 44 16.06 -24.98 -20.19
CA ASP A 44 14.61 -25.08 -20.38
C ASP A 44 14.31 -26.51 -20.83
N HIS A 45 13.57 -27.23 -20.00
CA HIS A 45 13.20 -28.61 -20.28
C HIS A 45 12.06 -28.63 -21.29
N GLY A 46 11.36 -27.51 -21.42
CA GLY A 46 10.23 -27.42 -22.32
C GLY A 46 8.96 -27.72 -21.55
N ASP A 47 7.82 -27.75 -22.23
CA ASP A 47 6.55 -28.06 -21.59
C ASP A 47 6.27 -29.56 -21.69
N LEU A 48 5.59 -30.08 -20.68
CA LEU A 48 5.26 -31.49 -20.66
C LEU A 48 3.96 -31.68 -21.44
N ALA A 49 3.83 -32.82 -22.11
CA ALA A 49 2.62 -33.11 -22.85
C ALA A 49 1.77 -34.02 -21.96
N PHE A 50 0.58 -33.55 -21.60
CA PHE A 50 -0.30 -34.33 -20.73
C PHE A 50 -1.36 -35.11 -21.51
N VAL A 51 -1.32 -36.42 -21.36
CA VAL A 51 -2.26 -37.33 -22.02
C VAL A 51 -3.61 -37.25 -21.32
N ASP A 52 -4.62 -36.84 -22.07
CA ASP A 52 -5.96 -36.70 -21.53
C ASP A 52 -6.66 -38.03 -21.28
N VAL A 53 -7.05 -38.25 -20.03
CA VAL A 53 -7.74 -39.48 -19.62
C VAL A 53 -9.18 -39.45 -20.10
N PRO A 54 -9.53 -40.30 -21.09
CA PRO A 54 -10.90 -40.35 -21.62
C PRO A 54 -11.88 -40.97 -20.62
N ASN A 55 -13.10 -40.48 -20.63
CA ASN A 55 -14.15 -40.99 -19.74
C ASN A 55 -13.72 -40.81 -18.28
N ASP A 56 -13.18 -39.64 -17.97
CA ASP A 56 -12.74 -39.34 -16.62
C ASP A 56 -13.95 -38.88 -15.79
N SER A 57 -14.70 -39.85 -15.27
CA SER A 57 -15.88 -39.56 -14.46
C SER A 57 -15.44 -38.94 -13.13
N PRO A 58 -16.24 -37.99 -12.60
CA PRO A 58 -15.91 -37.34 -11.34
C PRO A 58 -16.06 -38.26 -10.13
N PHE A 59 -15.05 -38.26 -9.27
CA PHE A 59 -15.06 -39.08 -8.05
C PHE A 59 -15.92 -38.34 -7.04
N GLN A 60 -17.19 -38.71 -6.96
CA GLN A 60 -18.09 -38.05 -6.05
C GLN A 60 -18.19 -36.60 -6.51
N ILE A 61 -17.52 -35.69 -5.79
CA ILE A 61 -17.56 -34.27 -6.16
C ILE A 61 -16.30 -33.82 -6.90
N VAL A 62 -15.20 -34.52 -6.70
CA VAL A 62 -13.94 -34.20 -7.35
C VAL A 62 -14.02 -34.37 -8.87
N LYS A 63 -13.61 -33.34 -9.61
CA LYS A 63 -13.67 -33.37 -11.06
C LYS A 63 -12.33 -33.66 -11.75
N ASN A 64 -12.40 -34.42 -12.82
CA ASN A 64 -11.22 -34.80 -13.61
C ASN A 64 -10.14 -35.36 -12.69
N PRO A 65 -10.49 -36.32 -11.81
CA PRO A 65 -9.50 -36.89 -10.89
C PRO A 65 -8.37 -37.63 -11.58
N ARG A 66 -8.72 -38.36 -12.63
CA ARG A 66 -7.74 -39.13 -13.35
C ARG A 66 -6.81 -38.28 -14.20
N SER A 67 -7.36 -37.28 -14.88
CA SER A 67 -6.53 -36.41 -15.71
C SER A 67 -5.55 -35.66 -14.81
N VAL A 68 -6.01 -35.26 -13.63
CA VAL A 68 -5.19 -34.53 -12.68
C VAL A 68 -4.20 -35.44 -11.97
N GLY A 69 -4.61 -36.68 -11.72
CA GLY A 69 -3.73 -37.61 -11.04
C GLY A 69 -2.58 -38.04 -11.93
N LYS A 70 -2.89 -38.29 -13.20
CA LYS A 70 -1.86 -38.72 -14.15
C LYS A 70 -0.92 -37.58 -14.54
N ALA A 71 -1.46 -36.37 -14.71
CA ALA A 71 -0.64 -35.22 -15.08
C ALA A 71 0.42 -34.97 -14.01
N ASN A 72 0.02 -35.06 -12.74
CA ASN A 72 0.93 -34.85 -11.63
C ASN A 72 1.93 -35.98 -11.47
N GLU A 73 1.50 -37.21 -11.75
CA GLU A 73 2.38 -38.34 -11.65
C GLU A 73 3.55 -38.13 -12.62
N GLN A 74 3.23 -37.67 -13.82
CA GLN A 74 4.26 -37.39 -14.84
C GLN A 74 5.23 -36.29 -14.41
N LEU A 75 4.69 -35.16 -13.93
CA LEU A 75 5.50 -34.04 -13.46
C LEU A 75 6.44 -34.47 -12.33
N ALA A 76 5.89 -35.17 -11.33
CA ALA A 76 6.70 -35.63 -10.21
C ALA A 76 7.92 -36.43 -10.70
N ALA A 77 7.70 -37.27 -11.71
CA ALA A 77 8.77 -38.09 -12.27
C ALA A 77 9.84 -37.18 -12.84
N VAL A 78 9.40 -36.19 -13.61
CA VAL A 78 10.31 -35.24 -14.23
C VAL A 78 11.04 -34.40 -13.21
N VAL A 79 10.34 -33.93 -12.19
CA VAL A 79 10.99 -33.10 -11.18
C VAL A 79 11.97 -33.93 -10.36
N ALA A 80 11.62 -35.18 -10.10
CA ALA A 80 12.52 -36.06 -9.31
C ALA A 80 13.83 -36.20 -10.06
N GLU A 81 13.72 -36.39 -11.37
CA GLU A 81 14.87 -36.60 -12.24
C GLU A 81 15.86 -35.43 -12.23
N THR A 82 15.33 -34.20 -12.32
CA THR A 82 16.17 -33.02 -12.34
C THR A 82 16.77 -32.73 -10.96
N GLN A 83 15.96 -32.91 -9.92
CA GLN A 83 16.44 -32.68 -8.55
C GLN A 83 17.62 -33.62 -8.35
N LYS A 84 17.45 -34.85 -8.81
CA LYS A 84 18.45 -35.90 -8.73
C LYS A 84 19.78 -35.38 -9.27
N ASN A 85 19.71 -34.69 -10.39
CA ASN A 85 20.90 -34.14 -11.01
C ASN A 85 21.42 -32.88 -10.38
N GLY A 86 20.94 -32.58 -9.18
CA GLY A 86 21.41 -31.41 -8.45
C GLY A 86 20.96 -30.05 -8.95
N THR A 87 19.88 -30.00 -9.72
CA THR A 87 19.39 -28.73 -10.23
C THR A 87 18.18 -28.24 -9.45
N ILE A 88 17.93 -26.93 -9.50
CA ILE A 88 16.78 -26.34 -8.84
C ILE A 88 15.67 -26.36 -9.88
N SER A 89 14.53 -26.97 -9.56
CA SER A 89 13.43 -27.02 -10.50
C SER A 89 12.54 -25.79 -10.40
N VAL A 90 12.03 -25.34 -11.54
CA VAL A 90 11.14 -24.18 -11.61
C VAL A 90 9.92 -24.57 -12.46
N VAL A 91 8.80 -24.83 -11.81
CA VAL A 91 7.58 -25.25 -12.50
C VAL A 91 6.66 -24.08 -12.90
N LEU A 92 6.56 -23.81 -14.19
CA LEU A 92 5.68 -22.76 -14.70
C LEU A 92 4.37 -23.49 -14.94
N GLY A 93 3.34 -23.19 -14.18
CA GLY A 93 2.14 -23.96 -14.39
C GLY A 93 0.86 -23.36 -14.92
N GLY A 94 -0.15 -24.19 -14.79
CA GLY A 94 -1.50 -23.81 -15.16
C GLY A 94 -2.00 -23.59 -13.76
N ASP A 95 -2.92 -24.43 -13.30
CA ASP A 95 -3.47 -24.30 -11.97
C ASP A 95 -2.57 -24.92 -10.89
N HIS A 96 -2.84 -24.58 -9.63
CA HIS A 96 -2.05 -25.05 -8.51
C HIS A 96 -2.13 -26.54 -8.16
N SER A 97 -2.99 -27.29 -8.83
CA SER A 97 -3.09 -28.72 -8.50
C SER A 97 -1.77 -29.40 -8.81
N MET A 98 -1.03 -28.83 -9.78
CA MET A 98 0.24 -29.40 -10.19
C MET A 98 1.29 -29.36 -9.06
N ALA A 99 0.95 -28.75 -7.93
CA ALA A 99 1.88 -28.69 -6.79
C ALA A 99 2.03 -30.08 -6.20
N ILE A 100 1.00 -30.91 -6.38
CA ILE A 100 1.02 -32.28 -5.88
C ILE A 100 2.27 -32.98 -6.44
N GLY A 101 2.41 -32.95 -7.76
CA GLY A 101 3.56 -33.56 -8.40
C GLY A 101 4.88 -32.81 -8.21
N SER A 102 4.84 -31.48 -8.23
CA SER A 102 6.07 -30.72 -8.06
C SER A 102 6.75 -31.07 -6.73
N ILE A 103 6.01 -30.93 -5.64
CA ILE A 103 6.53 -31.21 -4.31
C ILE A 103 6.81 -32.70 -4.11
N SER A 104 5.92 -33.56 -4.62
CA SER A 104 6.11 -35.00 -4.50
C SER A 104 7.45 -35.41 -5.12
N GLY A 105 7.68 -34.96 -6.35
CA GLY A 105 8.93 -35.27 -7.01
C GLY A 105 10.08 -34.74 -6.20
N HIS A 106 9.99 -33.46 -5.83
CA HIS A 106 11.02 -32.80 -5.04
C HIS A 106 11.33 -33.59 -3.76
N ALA A 107 10.30 -33.99 -3.02
CA ALA A 107 10.47 -34.71 -1.77
C ALA A 107 11.20 -36.04 -1.92
N ARG A 108 11.05 -36.66 -3.09
CA ARG A 108 11.70 -37.95 -3.36
C ARG A 108 13.21 -37.85 -3.28
N VAL A 109 13.77 -36.72 -3.71
CA VAL A 109 15.21 -36.49 -3.66
C VAL A 109 15.60 -35.77 -2.37
N HIS A 110 14.73 -34.87 -1.92
CA HIS A 110 14.96 -34.10 -0.70
C HIS A 110 13.79 -34.30 0.26
N PRO A 111 13.78 -35.41 0.99
CA PRO A 111 12.72 -35.70 1.94
C PRO A 111 12.61 -34.75 3.13
N ASP A 112 13.66 -34.00 3.42
CA ASP A 112 13.62 -33.09 4.56
C ASP A 112 13.27 -31.64 4.19
N LEU A 113 12.78 -31.44 2.98
CA LEU A 113 12.40 -30.11 2.50
C LEU A 113 11.21 -29.53 3.25
N CYS A 114 11.16 -28.20 3.34
CA CYS A 114 10.04 -27.53 3.99
C CYS A 114 9.34 -26.71 2.91
N VAL A 115 8.08 -26.37 3.15
CA VAL A 115 7.31 -25.61 2.16
C VAL A 115 6.79 -24.23 2.59
N ILE A 116 7.00 -23.24 1.74
CA ILE A 116 6.48 -21.91 2.00
C ILE A 116 5.45 -21.73 0.90
N TRP A 117 4.19 -21.61 1.30
CA TRP A 117 3.07 -21.51 0.36
C TRP A 117 2.46 -20.12 0.32
N VAL A 118 2.74 -19.35 -0.73
CA VAL A 118 2.17 -18.00 -0.85
C VAL A 118 0.91 -18.09 -1.70
N ASP A 119 -0.22 -17.82 -1.04
CA ASP A 119 -1.51 -17.99 -1.66
C ASP A 119 -2.52 -17.23 -0.82
N ALA A 120 -3.62 -16.82 -1.46
CA ALA A 120 -4.66 -16.15 -0.69
C ALA A 120 -5.50 -17.28 -0.11
N HIS A 121 -5.24 -18.49 -0.58
CA HIS A 121 -5.97 -19.67 -0.16
C HIS A 121 -5.07 -20.70 0.47
N THR A 122 -5.65 -21.61 1.25
CA THR A 122 -4.90 -22.66 1.92
C THR A 122 -4.78 -23.94 1.06
N ASP A 123 -5.64 -24.05 0.04
CA ASP A 123 -5.62 -25.21 -0.88
C ASP A 123 -5.43 -26.52 -0.14
N ILE A 124 -6.09 -26.64 1.01
CA ILE A 124 -5.97 -27.81 1.86
C ILE A 124 -7.30 -28.53 2.06
N ASN A 125 -8.23 -28.33 1.12
CA ASN A 125 -9.51 -29.00 1.21
C ASN A 125 -9.30 -30.45 0.83
N THR A 126 -10.09 -31.34 1.41
CA THR A 126 -10.01 -32.75 1.09
C THR A 126 -11.17 -33.05 0.16
N PRO A 127 -11.12 -34.20 -0.52
CA PRO A 127 -12.20 -34.60 -1.43
C PRO A 127 -13.56 -34.53 -0.77
N LEU A 128 -13.58 -34.66 0.55
CA LEU A 128 -14.82 -34.63 1.32
C LEU A 128 -15.22 -33.21 1.77
N THR A 129 -14.23 -32.34 1.97
CA THR A 129 -14.52 -30.98 2.40
C THR A 129 -14.56 -29.93 1.28
N THR A 130 -14.68 -30.32 0.02
CA THR A 130 -14.72 -29.30 -1.02
C THR A 130 -16.14 -28.96 -1.40
N SER A 131 -16.36 -27.70 -1.75
CA SER A 131 -17.67 -27.23 -2.17
C SER A 131 -17.78 -27.34 -3.69
N SER A 132 -16.64 -27.57 -4.34
CA SER A 132 -16.49 -27.73 -5.80
C SER A 132 -15.51 -28.88 -5.92
N GLY A 133 -15.61 -29.75 -6.91
CA GLY A 133 -14.60 -30.80 -6.91
C GLY A 133 -13.25 -30.29 -7.43
N ASN A 134 -13.04 -28.97 -7.44
CA ASN A 134 -11.80 -28.40 -7.99
C ASN A 134 -10.52 -28.76 -7.24
N LEU A 135 -9.70 -29.57 -7.89
CA LEU A 135 -8.45 -30.04 -7.30
C LEU A 135 -7.38 -28.98 -7.06
N HIS A 136 -7.44 -27.85 -7.77
CA HIS A 136 -6.45 -26.81 -7.55
C HIS A 136 -6.57 -26.30 -6.13
N GLY A 137 -7.64 -26.69 -5.45
CA GLY A 137 -7.85 -26.23 -4.09
C GLY A 137 -7.65 -27.33 -3.07
N GLN A 138 -7.06 -28.44 -3.50
CA GLN A 138 -6.82 -29.55 -2.60
C GLN A 138 -5.40 -30.10 -2.63
N PRO A 139 -4.45 -29.36 -3.24
CA PRO A 139 -3.06 -29.84 -3.31
C PRO A 139 -2.43 -30.29 -1.99
N VAL A 140 -2.43 -29.40 -1.00
CA VAL A 140 -1.82 -29.72 0.28
C VAL A 140 -2.44 -30.92 0.98
N ALA A 141 -3.72 -31.18 0.74
CA ALA A 141 -4.41 -32.31 1.37
C ALA A 141 -3.88 -33.68 0.93
N PHE A 142 -3.29 -33.74 -0.26
CA PHE A 142 -2.74 -35.00 -0.77
C PHE A 142 -1.31 -35.16 -0.28
N LEU A 143 -0.67 -34.04 0.03
CA LEU A 143 0.71 -34.05 0.47
C LEU A 143 0.93 -34.23 1.98
N LEU A 144 -0.04 -33.81 2.78
CA LEU A 144 0.10 -33.93 4.24
C LEU A 144 -0.04 -35.35 4.79
N LYS A 145 0.90 -35.71 5.66
CA LYS A 145 0.92 -37.02 6.29
C LYS A 145 -0.22 -37.13 7.30
N GLU A 146 -0.46 -36.06 8.05
CA GLU A 146 -1.53 -36.07 9.04
C GLU A 146 -2.91 -36.16 8.43
N LEU A 147 -3.00 -36.04 7.10
CA LEU A 147 -4.29 -36.09 6.43
C LEU A 147 -4.48 -37.40 5.67
N LYS A 148 -3.48 -38.26 5.79
CA LYS A 148 -3.48 -39.56 5.14
C LYS A 148 -4.61 -40.43 5.70
N GLY A 149 -5.48 -40.90 4.83
CA GLY A 149 -6.57 -41.74 5.27
C GLY A 149 -7.75 -41.01 5.87
N LYS A 150 -7.72 -39.69 5.84
CA LYS A 150 -8.84 -38.91 6.36
C LYS A 150 -9.81 -38.63 5.23
N PHE A 151 -9.59 -39.29 4.11
CA PHE A 151 -10.44 -39.14 2.95
C PHE A 151 -10.27 -40.33 2.03
N PRO A 152 -11.32 -40.69 1.28
CA PRO A 152 -11.21 -41.83 0.37
C PRO A 152 -10.11 -41.71 -0.68
N ASP A 153 -9.66 -42.85 -1.19
CA ASP A 153 -8.63 -42.87 -2.22
C ASP A 153 -9.28 -42.38 -3.49
N VAL A 154 -8.60 -41.49 -4.21
CA VAL A 154 -9.12 -40.93 -5.44
C VAL A 154 -8.46 -41.53 -6.67
N PRO A 155 -9.26 -41.88 -7.68
CA PRO A 155 -8.75 -42.46 -8.93
C PRO A 155 -7.65 -41.61 -9.54
N GLY A 156 -6.48 -42.21 -9.73
CA GLY A 156 -5.37 -41.48 -10.32
C GLY A 156 -4.33 -40.93 -9.37
N PHE A 157 -4.54 -41.09 -8.06
CA PHE A 157 -3.58 -40.57 -7.09
C PHE A 157 -2.94 -41.63 -6.19
N SER A 158 -3.17 -42.90 -6.51
CA SER A 158 -2.60 -43.97 -5.69
C SER A 158 -1.08 -43.89 -5.62
N TRP A 159 -0.46 -43.29 -6.64
CA TRP A 159 1.00 -43.17 -6.67
C TRP A 159 1.53 -42.16 -5.63
N VAL A 160 0.66 -41.27 -5.18
CA VAL A 160 1.04 -40.22 -4.21
C VAL A 160 1.36 -40.74 -2.81
N THR A 161 2.44 -40.21 -2.24
CA THR A 161 2.87 -40.61 -0.91
C THR A 161 3.07 -39.37 -0.05
N PRO A 162 2.25 -39.20 1.01
CA PRO A 162 2.38 -38.02 1.88
C PRO A 162 3.86 -37.79 2.24
N CYS A 163 4.42 -36.70 1.72
CA CYS A 163 5.82 -36.38 1.95
C CYS A 163 6.16 -35.28 2.96
N ILE A 164 5.20 -34.44 3.32
CA ILE A 164 5.48 -33.40 4.31
C ILE A 164 4.42 -33.44 5.40
N SER A 165 4.81 -33.00 6.60
CA SER A 165 3.90 -32.98 7.73
C SER A 165 3.49 -31.53 8.00
N ALA A 166 2.53 -31.37 8.89
CA ALA A 166 2.01 -30.06 9.24
C ALA A 166 3.06 -29.08 9.79
N LYS A 167 4.19 -29.61 10.26
CA LYS A 167 5.25 -28.75 10.82
C LYS A 167 6.25 -28.28 9.77
N ASP A 168 6.11 -28.74 8.54
CA ASP A 168 7.05 -28.35 7.48
C ASP A 168 6.45 -27.38 6.46
N ILE A 169 5.30 -26.81 6.76
CA ILE A 169 4.66 -25.89 5.84
C ILE A 169 4.26 -24.55 6.46
N VAL A 170 4.56 -23.47 5.77
CA VAL A 170 4.20 -22.14 6.23
C VAL A 170 3.44 -21.40 5.13
N TYR A 171 2.26 -20.88 5.48
CA TYR A 171 1.41 -20.12 4.55
C TYR A 171 1.60 -18.64 4.78
N ILE A 172 1.57 -17.87 3.70
CA ILE A 172 1.71 -16.42 3.73
C ILE A 172 0.74 -15.79 2.73
N GLY A 173 -0.17 -14.96 3.23
CA GLY A 173 -1.13 -14.26 2.39
C GLY A 173 -2.57 -14.70 2.50
N LEU A 174 -2.85 -15.55 3.48
CA LEU A 174 -4.21 -16.08 3.63
C LEU A 174 -5.25 -15.01 3.89
N ARG A 175 -6.42 -15.18 3.25
CA ARG A 175 -7.52 -14.25 3.40
C ARG A 175 -8.82 -14.87 2.89
N ASP A 176 -8.76 -16.03 2.25
CA ASP A 176 -10.00 -16.66 1.77
C ASP A 176 -9.89 -18.15 2.04
N VAL A 177 -10.20 -18.52 3.28
CA VAL A 177 -10.12 -19.90 3.73
C VAL A 177 -11.50 -20.46 4.11
N ASP A 178 -11.84 -21.61 3.56
CA ASP A 178 -13.15 -22.22 3.82
C ASP A 178 -13.22 -22.75 5.26
N PRO A 179 -14.43 -22.91 5.80
CA PRO A 179 -14.56 -23.43 7.17
C PRO A 179 -13.77 -24.75 7.40
N GLY A 180 -13.98 -25.72 6.51
CA GLY A 180 -13.28 -27.00 6.62
C GLY A 180 -11.78 -26.81 6.64
N GLU A 181 -11.27 -25.96 5.75
CA GLU A 181 -9.84 -25.70 5.71
C GLU A 181 -9.38 -25.06 7.03
N HIS A 182 -10.16 -24.10 7.51
CA HIS A 182 -9.80 -23.41 8.75
C HIS A 182 -9.82 -24.35 9.94
N TYR A 183 -10.71 -25.35 9.88
CA TYR A 183 -10.80 -26.36 10.93
C TYR A 183 -9.52 -27.20 10.84
N ILE A 184 -9.14 -27.52 9.61
CA ILE A 184 -7.95 -28.32 9.37
C ILE A 184 -6.65 -27.64 9.78
N ILE A 185 -6.47 -26.36 9.44
CA ILE A 185 -5.23 -25.69 9.82
C ILE A 185 -5.11 -25.46 11.33
N LYS A 186 -6.25 -25.21 11.99
CA LYS A 186 -6.26 -25.00 13.43
C LYS A 186 -6.03 -26.34 14.12
N THR A 187 -6.77 -27.37 13.70
CA THR A 187 -6.64 -28.69 14.29
C THR A 187 -5.24 -29.26 14.15
N LEU A 188 -4.66 -29.16 12.95
CA LEU A 188 -3.33 -29.70 12.72
C LEU A 188 -2.20 -28.83 13.28
N GLY A 189 -2.55 -27.62 13.71
CA GLY A 189 -1.56 -26.72 14.28
C GLY A 189 -0.58 -26.15 13.27
N ILE A 190 -0.94 -26.21 12.00
CA ILE A 190 -0.09 -25.69 10.93
C ILE A 190 0.25 -24.22 11.19
N LYS A 191 1.42 -23.75 10.76
CA LYS A 191 1.82 -22.35 10.96
C LYS A 191 1.42 -21.48 9.78
N TYR A 192 0.81 -20.32 10.04
CA TYR A 192 0.39 -19.46 8.94
C TYR A 192 0.45 -17.98 9.26
N PHE A 193 0.53 -17.18 8.20
CA PHE A 193 0.54 -15.73 8.30
C PHE A 193 -0.49 -15.24 7.32
N SER A 194 -1.71 -15.01 7.82
CA SER A 194 -2.78 -14.51 6.97
C SER A 194 -2.52 -13.03 6.86
N MET A 195 -3.28 -12.34 6.02
CA MET A 195 -3.07 -10.91 5.88
C MET A 195 -3.15 -10.16 7.20
N THR A 196 -3.95 -10.63 8.15
CA THR A 196 -4.01 -9.88 9.41
C THR A 196 -2.64 -9.92 10.10
N GLU A 197 -1.97 -11.08 10.05
CA GLU A 197 -0.63 -11.18 10.65
C GLU A 197 0.37 -10.35 9.85
N VAL A 198 0.16 -10.21 8.54
CA VAL A 198 1.07 -9.43 7.72
C VAL A 198 0.91 -7.95 8.08
N ASP A 199 -0.33 -7.51 8.28
CA ASP A 199 -0.62 -6.12 8.65
C ASP A 199 -0.07 -5.82 10.04
N LYS A 200 -0.30 -6.75 10.96
CA LYS A 200 0.14 -6.63 12.33
C LYS A 200 1.67 -6.55 12.46
N LEU A 201 2.34 -7.60 11.98
CA LEU A 201 3.79 -7.69 12.06
C LEU A 201 4.63 -6.93 11.02
N GLY A 202 4.18 -6.92 9.77
CA GLY A 202 4.96 -6.27 8.73
C GLY A 202 5.65 -7.43 8.05
N ILE A 203 5.84 -7.35 6.73
CA ILE A 203 6.44 -8.45 6.00
C ILE A 203 7.84 -8.82 6.51
N GLY A 204 8.56 -7.83 7.03
CA GLY A 204 9.90 -8.04 7.53
C GLY A 204 9.92 -9.07 8.65
N LYS A 205 9.10 -8.84 9.68
CA LYS A 205 9.04 -9.76 10.80
C LYS A 205 8.46 -11.11 10.34
N VAL A 206 7.46 -11.06 9.46
CA VAL A 206 6.86 -12.29 8.94
C VAL A 206 7.90 -13.24 8.36
N MET A 207 8.82 -12.72 7.56
CA MET A 207 9.82 -13.58 6.96
C MET A 207 10.76 -14.11 8.04
N GLU A 208 11.15 -13.21 8.93
CA GLU A 208 12.04 -13.56 10.03
C GLU A 208 11.48 -14.76 10.77
N GLU A 209 10.19 -14.70 11.06
CA GLU A 209 9.55 -15.78 11.78
C GLU A 209 9.38 -17.06 10.98
N THR A 210 8.98 -16.95 9.72
CA THR A 210 8.80 -18.16 8.92
C THR A 210 10.09 -18.96 8.83
N PHE A 211 11.24 -18.27 8.85
CA PHE A 211 12.53 -18.94 8.78
C PHE A 211 12.99 -19.57 10.10
N SER A 212 12.83 -18.86 11.22
CA SER A 212 13.25 -19.45 12.49
C SER A 212 12.35 -20.65 12.75
N TYR A 213 11.10 -20.55 12.31
CA TYR A 213 10.15 -21.63 12.49
C TYR A 213 10.50 -22.87 11.69
N LEU A 214 10.86 -22.67 10.42
CA LEU A 214 11.20 -23.79 9.54
C LEU A 214 12.69 -24.15 9.49
N LEU A 215 13.56 -23.20 9.81
CA LEU A 215 15.00 -23.43 9.75
C LEU A 215 15.75 -23.33 11.07
N GLY A 216 15.05 -22.91 12.11
CA GLY A 216 15.69 -22.77 13.42
C GLY A 216 16.59 -23.92 13.80
N ARG A 217 16.05 -25.13 13.81
CA ARG A 217 16.82 -26.32 14.18
C ARG A 217 17.79 -26.79 13.08
N LYS A 218 17.24 -27.27 11.98
CA LYS A 218 18.06 -27.76 10.86
C LYS A 218 17.86 -26.89 9.61
N LYS A 219 18.91 -26.75 8.82
CA LYS A 219 18.83 -26.00 7.57
C LYS A 219 18.45 -27.03 6.52
N ARG A 220 17.38 -26.78 5.77
CA ARG A 220 16.96 -27.75 4.77
C ARG A 220 16.44 -27.12 3.49
N PRO A 221 16.38 -27.90 2.40
CA PRO A 221 15.89 -27.40 1.12
C PRO A 221 14.55 -26.72 1.31
N ILE A 222 14.36 -25.60 0.60
CA ILE A 222 13.11 -24.85 0.68
C ILE A 222 12.34 -24.98 -0.62
N HIS A 223 11.06 -25.31 -0.53
CA HIS A 223 10.23 -25.39 -1.74
C HIS A 223 9.23 -24.24 -1.69
N LEU A 224 9.28 -23.36 -2.70
CA LEU A 224 8.37 -22.24 -2.73
C LEU A 224 7.28 -22.44 -3.78
N SER A 225 6.05 -22.62 -3.31
CA SER A 225 4.92 -22.81 -4.22
C SER A 225 4.21 -21.46 -4.17
N PHE A 226 4.32 -20.70 -5.25
CA PHE A 226 3.72 -19.38 -5.33
C PHE A 226 2.41 -19.24 -6.13
N ASP A 227 1.31 -19.06 -5.43
CA ASP A 227 0.06 -18.87 -6.13
C ASP A 227 0.00 -17.37 -6.39
N VAL A 228 -0.03 -16.99 -7.66
CA VAL A 228 -0.07 -15.61 -8.00
C VAL A 228 -1.24 -14.84 -7.36
N ASP A 229 -2.32 -15.53 -7.00
CA ASP A 229 -3.42 -14.80 -6.39
C ASP A 229 -3.11 -14.38 -4.93
N GLY A 230 -1.87 -14.68 -4.51
CA GLY A 230 -1.42 -14.31 -3.15
C GLY A 230 -1.17 -12.84 -3.10
N LEU A 231 -0.91 -12.21 -4.25
CA LEU A 231 -0.69 -10.76 -4.33
C LEU A 231 -2.10 -10.24 -4.63
N ASP A 232 -2.29 -8.97 -4.34
CA ASP A 232 -3.58 -8.31 -4.55
C ASP A 232 -3.93 -8.26 -6.02
N PRO A 233 -5.23 -8.41 -6.36
CA PRO A 233 -5.68 -8.36 -7.75
C PRO A 233 -5.17 -7.13 -8.53
N VAL A 234 -4.83 -6.05 -7.82
CA VAL A 234 -4.32 -4.87 -8.50
C VAL A 234 -2.96 -5.15 -9.14
N PHE A 235 -2.27 -6.16 -8.63
CA PHE A 235 -0.95 -6.53 -9.11
C PHE A 235 -0.93 -7.74 -10.06
N THR A 236 -1.73 -8.73 -9.73
CA THR A 236 -1.80 -9.94 -10.52
C THR A 236 -3.26 -10.22 -10.89
N PRO A 237 -3.93 -9.27 -11.57
CA PRO A 237 -5.35 -9.44 -11.98
C PRO A 237 -5.72 -10.65 -12.83
N ALA A 238 -4.84 -11.05 -13.73
CA ALA A 238 -5.14 -12.18 -14.61
C ALA A 238 -4.94 -13.54 -13.93
N THR A 239 -5.90 -13.89 -13.05
CA THR A 239 -5.92 -15.14 -12.29
C THR A 239 -7.37 -15.58 -12.09
N GLY A 240 -7.58 -16.88 -11.97
CA GLY A 240 -8.92 -17.38 -11.79
C GLY A 240 -9.63 -17.06 -10.48
N THR A 241 -8.90 -16.98 -9.37
CA THR A 241 -9.56 -16.67 -8.09
C THR A 241 -8.94 -15.52 -7.32
N PRO A 242 -9.13 -14.26 -7.80
CA PRO A 242 -8.60 -13.06 -7.15
C PRO A 242 -9.32 -12.72 -5.84
N VAL A 243 -8.57 -12.20 -4.86
CA VAL A 243 -9.15 -11.85 -3.57
C VAL A 243 -8.55 -10.53 -3.13
N VAL A 244 -9.42 -9.53 -2.95
CA VAL A 244 -8.97 -8.19 -2.52
C VAL A 244 -8.21 -8.23 -1.21
N GLY A 245 -7.46 -7.16 -0.94
CA GLY A 245 -6.66 -7.07 0.28
C GLY A 245 -5.46 -8.01 0.31
N GLY A 246 -4.84 -8.20 -0.86
CA GLY A 246 -3.70 -9.11 -0.90
C GLY A 246 -2.36 -8.49 -0.59
N LEU A 247 -1.31 -9.30 -0.74
CA LEU A 247 0.05 -8.87 -0.54
C LEU A 247 0.32 -7.91 -1.68
N SER A 248 1.23 -6.95 -1.43
CA SER A 248 1.59 -5.96 -2.43
C SER A 248 2.79 -6.44 -3.23
N TYR A 249 2.97 -5.83 -4.39
CA TYR A 249 4.09 -6.15 -5.26
C TYR A 249 5.37 -6.16 -4.43
N ARG A 250 5.54 -5.07 -3.68
CA ARG A 250 6.71 -4.89 -2.83
C ARG A 250 6.84 -6.05 -1.88
N GLU A 251 5.78 -6.36 -1.14
CA GLU A 251 5.86 -7.49 -0.21
C GLU A 251 6.16 -8.82 -0.92
N GLY A 252 5.67 -8.97 -2.15
CA GLY A 252 5.93 -10.20 -2.89
C GLY A 252 7.40 -10.38 -3.19
N LEU A 253 8.03 -9.30 -3.66
CA LEU A 253 9.46 -9.31 -3.97
C LEU A 253 10.29 -9.41 -2.68
N TYR A 254 9.76 -8.91 -1.57
CA TYR A 254 10.52 -8.98 -0.34
C TYR A 254 10.64 -10.46 -0.02
N ILE A 255 9.51 -11.15 -0.01
CA ILE A 255 9.47 -12.58 0.25
C ILE A 255 10.49 -13.31 -0.63
N THR A 256 10.43 -13.09 -1.94
CA THR A 256 11.39 -13.74 -2.84
C THR A 256 12.83 -13.29 -2.63
N GLU A 257 13.07 -12.03 -2.27
CA GLU A 257 14.44 -11.55 -2.05
C GLU A 257 15.02 -12.25 -0.82
N GLU A 258 14.18 -12.40 0.21
CA GLU A 258 14.60 -13.07 1.43
C GLU A 258 14.84 -14.56 1.23
N ILE A 259 13.98 -15.21 0.44
CA ILE A 259 14.17 -16.62 0.21
C ILE A 259 15.44 -16.83 -0.61
N TYR A 260 15.77 -15.89 -1.49
CA TYR A 260 17.00 -16.02 -2.27
C TYR A 260 18.21 -15.97 -1.33
N LYS A 261 18.20 -14.99 -0.42
CA LYS A 261 19.30 -14.82 0.51
C LYS A 261 19.63 -16.01 1.38
N THR A 262 18.66 -16.87 1.67
CA THR A 262 18.95 -18.04 2.50
C THR A 262 19.86 -19.00 1.75
N GLY A 263 19.82 -18.95 0.42
CA GLY A 263 20.66 -19.81 -0.38
C GLY A 263 20.15 -21.24 -0.36
N LEU A 264 18.97 -21.40 0.26
CA LEU A 264 18.35 -22.71 0.39
C LEU A 264 17.24 -23.04 -0.61
N LEU A 265 16.91 -22.15 -1.53
CA LEU A 265 15.83 -22.44 -2.48
C LEU A 265 16.18 -23.67 -3.31
N SER A 266 15.34 -24.71 -3.21
CA SER A 266 15.57 -25.98 -3.92
C SER A 266 14.50 -26.33 -4.97
N GLY A 267 13.31 -25.76 -4.80
CA GLY A 267 12.22 -26.00 -5.73
C GLY A 267 11.31 -24.79 -5.73
N LEU A 268 10.66 -24.54 -6.86
CA LEU A 268 9.80 -23.37 -7.01
C LEU A 268 8.62 -23.64 -7.96
N ASP A 269 7.48 -23.00 -7.70
CA ASP A 269 6.30 -23.09 -8.56
C ASP A 269 5.70 -21.69 -8.70
N ILE A 270 5.38 -21.31 -9.93
CA ILE A 270 4.79 -20.01 -10.22
C ILE A 270 3.50 -20.39 -10.91
N MET A 271 2.44 -20.42 -10.12
CA MET A 271 1.12 -20.86 -10.58
C MET A 271 0.00 -19.84 -10.73
N GLU A 272 -1.07 -20.32 -11.35
CA GLU A 272 -2.33 -19.61 -11.62
C GLU A 272 -2.30 -18.38 -12.52
N VAL A 273 -1.26 -18.23 -13.32
CA VAL A 273 -1.23 -17.10 -14.24
C VAL A 273 -2.14 -17.53 -15.39
N ASN A 274 -3.26 -16.83 -15.58
CA ASN A 274 -4.20 -17.16 -16.65
C ASN A 274 -4.30 -16.00 -17.61
N PRO A 275 -3.46 -16.00 -18.68
CA PRO A 275 -3.39 -14.98 -19.72
C PRO A 275 -4.71 -14.59 -20.36
N THR A 276 -5.72 -15.45 -20.24
CA THR A 276 -7.02 -15.17 -20.83
C THR A 276 -7.98 -14.42 -19.90
N LEU A 277 -7.64 -14.32 -18.61
CA LEU A 277 -8.50 -13.63 -17.68
C LEU A 277 -8.21 -12.14 -17.52
N GLY A 278 -7.33 -11.61 -18.38
CA GLY A 278 -7.03 -10.20 -18.30
C GLY A 278 -8.10 -9.37 -19.00
N LYS A 279 -8.82 -8.52 -18.25
CA LYS A 279 -9.87 -7.67 -18.82
C LYS A 279 -9.33 -6.75 -19.91
N THR A 280 -8.03 -6.49 -19.86
CA THR A 280 -7.38 -5.65 -20.86
C THR A 280 -6.00 -6.25 -21.06
N PRO A 281 -5.42 -6.05 -22.25
CA PRO A 281 -4.09 -6.60 -22.51
C PRO A 281 -3.11 -6.22 -21.41
N GLU A 282 -3.24 -4.99 -20.90
CA GLU A 282 -2.38 -4.47 -19.84
C GLU A 282 -2.48 -5.33 -18.57
N GLU A 283 -3.68 -5.79 -18.24
CA GLU A 283 -3.86 -6.60 -17.03
C GLU A 283 -3.10 -7.92 -17.10
N VAL A 284 -2.93 -8.43 -18.32
CA VAL A 284 -2.23 -9.69 -18.49
C VAL A 284 -0.73 -9.43 -18.45
N THR A 285 -0.31 -8.34 -19.07
CA THR A 285 1.09 -7.94 -19.12
C THR A 285 1.57 -7.69 -17.68
N ARG A 286 0.73 -7.00 -16.93
CA ARG A 286 1.03 -6.67 -15.55
C ARG A 286 1.34 -7.96 -14.79
N THR A 287 0.39 -8.88 -14.82
CA THR A 287 0.45 -10.19 -14.14
C THR A 287 1.67 -10.99 -14.54
N VAL A 288 1.86 -11.13 -15.86
CA VAL A 288 2.99 -11.88 -16.40
C VAL A 288 4.31 -11.25 -15.98
N ASN A 289 4.43 -9.92 -16.10
CA ASN A 289 5.66 -9.22 -15.72
C ASN A 289 5.99 -9.40 -14.25
N THR A 290 4.97 -9.39 -13.40
CA THR A 290 5.14 -9.53 -11.96
C THR A 290 5.58 -10.95 -11.61
N ALA A 291 5.00 -11.92 -12.30
CA ALA A 291 5.34 -13.31 -12.06
C ALA A 291 6.79 -13.54 -12.46
N VAL A 292 7.20 -12.94 -13.58
CA VAL A 292 8.58 -13.04 -14.05
C VAL A 292 9.51 -12.33 -13.06
N ALA A 293 9.05 -11.19 -12.54
CA ALA A 293 9.82 -10.39 -11.58
C ALA A 293 10.13 -11.19 -10.32
N LEU A 294 9.11 -11.84 -9.77
CA LEU A 294 9.25 -12.64 -8.57
C LEU A 294 10.24 -13.78 -8.81
N THR A 295 10.14 -14.42 -9.98
CA THR A 295 11.02 -15.53 -10.31
C THR A 295 12.46 -15.08 -10.35
N LEU A 296 12.72 -13.95 -11.01
CA LEU A 296 14.06 -13.40 -11.10
C LEU A 296 14.60 -13.02 -9.73
N SER A 297 13.68 -12.58 -8.86
CA SER A 297 14.06 -12.19 -7.51
C SER A 297 14.49 -13.42 -6.72
N CYS A 298 13.81 -14.53 -6.97
CA CYS A 298 14.13 -15.78 -6.29
C CYS A 298 15.56 -16.22 -6.61
N PHE A 299 16.05 -15.76 -7.74
CA PHE A 299 17.37 -16.15 -8.21
C PHE A 299 18.44 -15.05 -8.26
N GLY A 300 18.36 -14.08 -7.35
CA GLY A 300 19.40 -13.06 -7.32
C GLY A 300 19.10 -11.59 -7.51
N THR A 301 18.23 -11.25 -8.46
CA THR A 301 17.89 -9.86 -8.74
C THR A 301 17.44 -9.13 -7.47
N LYS A 302 18.20 -8.12 -7.08
CA LYS A 302 17.91 -7.32 -5.89
C LYS A 302 17.43 -5.96 -6.33
N ARG A 303 16.49 -5.39 -5.58
CA ARG A 303 15.99 -4.09 -5.96
C ARG A 303 17.04 -3.03 -5.72
N GLU A 304 17.99 -3.33 -4.83
CA GLU A 304 19.08 -2.39 -4.55
C GLU A 304 20.07 -2.41 -5.73
N GLY A 305 19.95 -3.42 -6.60
CA GLY A 305 20.83 -3.52 -7.74
C GLY A 305 21.75 -4.71 -7.72
N ASN A 306 22.43 -4.96 -8.85
CA ASN A 306 23.36 -6.08 -8.99
C ASN A 306 24.53 -5.70 -9.88
N HIS A 307 25.72 -6.25 -9.61
CA HIS A 307 26.88 -5.99 -10.45
C HIS A 307 27.74 -7.25 -10.49
N LYS A 308 28.31 -7.54 -11.65
CA LYS A 308 29.11 -8.74 -11.78
C LYS A 308 30.42 -8.67 -11.01
N PRO A 309 30.77 -9.77 -10.33
CA PRO A 309 32.00 -9.90 -9.53
C PRO A 309 33.27 -9.80 -10.36
N GLU A 310 34.36 -9.39 -9.73
CA GLU A 310 35.65 -9.28 -10.40
C GLU A 310 35.70 -8.26 -11.52
N THR A 311 34.61 -7.52 -11.71
CA THR A 311 34.56 -6.52 -12.77
C THR A 311 34.66 -5.12 -12.18
N ASP A 312 35.69 -4.39 -12.58
CA ASP A 312 35.92 -3.03 -12.12
C ASP A 312 35.26 -2.06 -13.11
N TYR A 313 34.06 -1.61 -12.77
CA TYR A 313 33.33 -0.71 -13.65
C TYR A 313 33.95 0.67 -13.73
N LEU A 314 35.04 0.89 -12.99
CA LEU A 314 35.73 2.17 -13.01
C LEU A 314 37.10 2.08 -13.70
N LYS B 1 10.87 32.73 7.65
CA LYS B 1 11.95 32.35 6.70
C LYS B 1 11.47 32.55 5.25
N PRO B 2 12.37 33.02 4.35
CA PRO B 2 12.07 33.27 2.94
C PRO B 2 12.31 32.07 2.03
N ILE B 3 11.46 31.92 1.02
CA ILE B 3 11.56 30.82 0.07
C ILE B 3 11.69 31.40 -1.32
N GLU B 4 12.58 30.83 -2.12
CA GLU B 4 12.77 31.34 -3.48
C GLU B 4 12.62 30.20 -4.47
N ILE B 5 11.58 30.30 -5.31
CA ILE B 5 11.31 29.31 -6.33
C ILE B 5 12.11 29.66 -7.58
N ILE B 6 12.89 28.70 -8.07
CA ILE B 6 13.70 28.92 -9.26
C ILE B 6 13.36 27.87 -10.29
N GLY B 7 12.75 28.29 -11.39
CA GLY B 7 12.39 27.35 -12.43
C GLY B 7 13.57 26.98 -13.31
N ALA B 8 13.72 25.68 -13.54
CA ALA B 8 14.79 25.16 -14.40
C ALA B 8 14.20 24.33 -15.55
N PRO B 9 13.58 25.00 -16.53
CA PRO B 9 13.01 24.25 -17.66
C PRO B 9 14.10 23.74 -18.59
N PHE B 10 14.72 22.63 -18.20
CA PHE B 10 15.81 22.01 -18.96
C PHE B 10 15.43 20.56 -19.23
N SER B 11 15.80 20.05 -20.40
CA SER B 11 15.46 18.67 -20.73
C SER B 11 16.59 17.84 -21.36
N LYS B 12 17.71 18.48 -21.72
CA LYS B 12 18.84 17.79 -22.36
C LYS B 12 19.53 16.79 -21.46
N GLY B 13 19.00 16.61 -20.25
CA GLY B 13 19.59 15.66 -19.34
C GLY B 13 19.16 14.25 -19.71
N GLN B 14 18.15 14.15 -20.57
CA GLN B 14 17.64 12.84 -21.00
C GLN B 14 16.93 12.96 -22.34
N PRO B 15 16.70 11.82 -23.00
CA PRO B 15 16.04 11.74 -24.31
C PRO B 15 14.59 12.22 -24.47
N ARG B 16 13.77 12.04 -23.45
CA ARG B 16 12.38 12.44 -23.55
C ARG B 16 12.06 13.93 -23.46
N GLY B 17 11.45 14.44 -24.52
CA GLY B 17 11.07 15.84 -24.57
C GLY B 17 9.82 16.09 -23.73
N GLY B 18 9.81 17.19 -23.01
CA GLY B 18 8.64 17.51 -22.20
C GLY B 18 8.93 17.94 -20.77
N VAL B 19 9.96 17.38 -20.13
CA VAL B 19 10.28 17.75 -18.76
C VAL B 19 10.51 19.23 -18.59
N GLU B 20 10.96 19.91 -19.64
CA GLU B 20 11.22 21.34 -19.57
C GLU B 20 9.93 22.09 -19.29
N LYS B 21 8.80 21.42 -19.52
CA LYS B 21 7.49 21.99 -19.28
C LYS B 21 7.09 21.81 -17.81
N GLY B 22 7.88 21.01 -17.09
CA GLY B 22 7.61 20.76 -15.67
C GLY B 22 7.30 21.98 -14.82
N PRO B 23 8.15 23.02 -14.86
CA PRO B 23 7.95 24.24 -14.08
C PRO B 23 6.61 24.94 -14.33
N ALA B 24 6.22 25.05 -15.61
CA ALA B 24 4.97 25.70 -15.97
C ALA B 24 3.77 24.99 -15.41
N ALA B 25 3.78 23.65 -15.47
CA ALA B 25 2.66 22.87 -14.94
C ALA B 25 2.56 23.05 -13.43
N LEU B 26 3.69 22.93 -12.73
CA LEU B 26 3.70 23.08 -11.29
C LEU B 26 3.13 24.44 -10.89
N ARG B 27 3.49 25.49 -11.61
CA ARG B 27 2.95 26.82 -11.29
C ARG B 27 1.48 26.87 -11.63
N LYS B 28 1.14 26.39 -12.82
CA LYS B 28 -0.25 26.39 -13.27
C LYS B 28 -1.11 25.70 -12.21
N ALA B 29 -0.55 24.71 -11.52
CA ALA B 29 -1.28 23.99 -10.48
C ALA B 29 -1.44 24.81 -9.21
N GLY B 30 -0.86 26.02 -9.21
CA GLY B 30 -0.96 26.88 -8.03
C GLY B 30 0.09 26.72 -6.96
N LEU B 31 1.23 26.10 -7.28
CA LEU B 31 2.30 25.90 -6.32
C LEU B 31 2.67 27.16 -5.54
N VAL B 32 2.90 28.28 -6.25
CA VAL B 32 3.29 29.54 -5.64
C VAL B 32 2.21 30.13 -4.72
N GLU B 33 0.97 30.20 -5.20
CA GLU B 33 -0.12 30.75 -4.39
C GLU B 33 -0.30 29.93 -3.12
N LYS B 34 -0.31 28.60 -3.27
CA LYS B 34 -0.48 27.71 -2.14
C LYS B 34 0.67 27.87 -1.13
N LEU B 35 1.90 28.02 -1.63
CA LEU B 35 3.04 28.20 -0.74
C LEU B 35 2.84 29.44 0.09
N LYS B 36 2.34 30.51 -0.53
CA LYS B 36 2.14 31.76 0.18
C LYS B 36 1.19 31.60 1.36
N GLU B 37 0.35 30.58 1.30
CA GLU B 37 -0.60 30.37 2.38
C GLU B 37 0.08 29.77 3.61
N THR B 38 1.35 29.41 3.47
CA THR B 38 2.10 28.82 4.58
C THR B 38 2.75 29.94 5.40
N GLU B 39 3.50 29.56 6.41
CA GLU B 39 4.15 30.54 7.28
C GLU B 39 5.42 31.11 6.68
N TYR B 40 5.69 30.83 5.41
CA TYR B 40 6.90 31.33 4.78
C TYR B 40 6.64 32.43 3.78
N ASN B 41 7.64 33.30 3.63
CA ASN B 41 7.58 34.39 2.67
C ASN B 41 8.01 33.74 1.37
N VAL B 42 7.22 33.92 0.32
CA VAL B 42 7.54 33.31 -0.95
C VAL B 42 7.86 34.28 -2.06
N ARG B 43 8.98 34.02 -2.75
CA ARG B 43 9.34 34.88 -3.87
C ARG B 43 9.60 33.98 -5.06
N ASP B 44 9.01 34.31 -6.19
CA ASP B 44 9.22 33.54 -7.42
C ASP B 44 10.26 34.29 -8.25
N HIS B 45 11.39 33.63 -8.47
CA HIS B 45 12.50 34.19 -9.24
C HIS B 45 12.23 34.06 -10.74
N GLY B 46 11.27 33.21 -11.09
CA GLY B 46 10.93 33.00 -12.49
C GLY B 46 11.76 31.84 -13.03
N ASP B 47 11.60 31.54 -14.32
CA ASP B 47 12.36 30.47 -14.95
C ASP B 47 13.64 31.03 -15.55
N LEU B 48 14.70 30.24 -15.55
CA LEU B 48 15.98 30.65 -16.11
C LEU B 48 15.94 30.40 -17.60
N ALA B 49 16.63 31.23 -18.37
CA ALA B 49 16.68 31.06 -19.82
C ALA B 49 18.01 30.39 -20.12
N PHE B 50 17.95 29.19 -20.68
CA PHE B 50 19.17 28.47 -20.99
C PHE B 50 19.60 28.63 -22.44
N VAL B 51 20.81 29.15 -22.61
CA VAL B 51 21.39 29.38 -23.93
C VAL B 51 21.87 28.05 -24.50
N ASP B 52 21.32 27.68 -25.65
CA ASP B 52 21.66 26.43 -26.29
C ASP B 52 23.03 26.44 -26.94
N VAL B 53 23.88 25.52 -26.52
CA VAL B 53 25.23 25.41 -27.06
C VAL B 53 25.17 24.77 -28.44
N PRO B 54 25.47 25.54 -29.49
CA PRO B 54 25.44 25.01 -30.86
C PRO B 54 26.61 24.06 -31.12
N ASN B 55 26.37 23.04 -31.93
CA ASN B 55 27.40 22.06 -32.29
C ASN B 55 27.92 21.35 -31.04
N ASP B 56 26.99 20.95 -30.18
CA ASP B 56 27.32 20.26 -28.94
C ASP B 56 27.53 18.77 -29.22
N SER B 57 28.72 18.44 -29.70
CA SER B 57 29.05 17.05 -30.02
C SER B 57 29.12 16.23 -28.73
N PRO B 58 28.67 14.97 -28.78
CA PRO B 58 28.68 14.09 -27.61
C PRO B 58 30.10 13.67 -27.19
N PHE B 59 30.37 13.80 -25.88
CA PHE B 59 31.67 13.43 -25.34
C PHE B 59 31.69 11.92 -25.18
N GLN B 60 32.22 11.22 -26.18
CA GLN B 60 32.24 9.77 -26.15
C GLN B 60 30.77 9.32 -26.17
N ILE B 61 30.26 8.88 -25.03
CA ILE B 61 28.87 8.44 -24.94
C ILE B 61 27.93 9.50 -24.35
N VAL B 62 28.47 10.42 -23.57
CA VAL B 62 27.67 11.48 -22.95
C VAL B 62 27.10 12.42 -24.00
N LYS B 63 25.79 12.68 -23.92
CA LYS B 63 25.09 13.53 -24.88
C LYS B 63 24.81 14.94 -24.37
N ASN B 64 24.93 15.92 -25.26
CA ASN B 64 24.70 17.32 -24.91
C ASN B 64 25.48 17.69 -23.65
N PRO B 65 26.78 17.38 -23.59
CA PRO B 65 27.57 17.70 -22.40
C PRO B 65 27.71 19.21 -22.15
N ARG B 66 27.89 19.96 -23.23
CA ARG B 66 28.05 21.41 -23.13
C ARG B 66 26.74 22.12 -22.76
N SER B 67 25.64 21.72 -23.38
CA SER B 67 24.36 22.35 -23.06
C SER B 67 24.03 22.09 -21.60
N VAL B 68 24.32 20.88 -21.13
CA VAL B 68 24.05 20.49 -19.76
C VAL B 68 25.02 21.13 -18.77
N GLY B 69 26.28 21.25 -19.16
CA GLY B 69 27.27 21.84 -18.29
C GLY B 69 27.02 23.32 -18.06
N LYS B 70 26.65 24.03 -19.14
CA LYS B 70 26.40 25.45 -19.06
C LYS B 70 25.10 25.79 -18.35
N ALA B 71 24.07 24.97 -18.57
CA ALA B 71 22.77 25.23 -17.93
C ALA B 71 22.92 25.11 -16.42
N ASN B 72 23.67 24.10 -15.96
CA ASN B 72 23.89 23.91 -14.54
C ASN B 72 24.78 25.04 -14.00
N GLU B 73 25.97 25.25 -14.56
CA GLU B 73 26.80 26.36 -14.09
C GLU B 73 25.96 27.64 -13.85
N GLN B 74 24.99 27.94 -14.72
CA GLN B 74 24.11 29.12 -14.56
C GLN B 74 23.17 28.98 -13.34
N LEU B 75 22.55 27.82 -13.18
CA LEU B 75 21.65 27.56 -12.06
C LEU B 75 22.44 27.69 -10.75
N ALA B 76 23.61 27.06 -10.70
CA ALA B 76 24.45 27.11 -9.50
C ALA B 76 24.69 28.56 -9.08
N ALA B 77 24.98 29.41 -10.04
CA ALA B 77 25.23 30.83 -9.76
C ALA B 77 24.01 31.43 -9.09
N VAL B 78 22.85 31.18 -9.69
CA VAL B 78 21.59 31.70 -9.17
C VAL B 78 21.26 31.16 -7.78
N VAL B 79 21.45 29.85 -7.58
CA VAL B 79 21.15 29.27 -6.29
C VAL B 79 22.10 29.79 -5.21
N ALA B 80 23.37 29.97 -5.56
CA ALA B 80 24.35 30.48 -4.62
C ALA B 80 23.92 31.88 -4.15
N GLU B 81 23.48 32.70 -5.10
CA GLU B 81 23.05 34.06 -4.82
C GLU B 81 21.90 34.14 -3.80
N THR B 82 20.88 33.29 -3.98
CA THR B 82 19.72 33.26 -3.10
C THR B 82 20.04 32.64 -1.73
N GLN B 83 20.86 31.59 -1.73
CA GLN B 83 21.27 30.98 -0.48
C GLN B 83 22.01 32.05 0.34
N LYS B 84 22.87 32.78 -0.36
CA LYS B 84 23.67 33.87 0.22
C LYS B 84 22.75 34.82 0.99
N ASN B 85 21.60 35.11 0.40
CA ASN B 85 20.66 36.02 1.03
C ASN B 85 19.81 35.36 2.12
N GLY B 86 20.23 34.19 2.58
CA GLY B 86 19.51 33.50 3.64
C GLY B 86 18.15 32.90 3.29
N THR B 87 17.90 32.64 2.01
CA THR B 87 16.63 32.05 1.63
C THR B 87 16.77 30.57 1.29
N ILE B 88 15.68 29.83 1.40
CA ILE B 88 15.68 28.42 1.06
C ILE B 88 15.34 28.36 -0.43
N SER B 89 16.19 27.72 -1.23
CA SER B 89 15.92 27.62 -2.66
C SER B 89 15.04 26.41 -3.01
N VAL B 90 14.15 26.57 -3.98
CA VAL B 90 13.26 25.51 -4.43
C VAL B 90 13.36 25.42 -5.96
N VAL B 91 14.11 24.44 -6.44
CA VAL B 91 14.29 24.25 -7.88
C VAL B 91 13.22 23.38 -8.56
N LEU B 92 12.38 23.98 -9.40
CA LEU B 92 11.35 23.24 -10.13
C LEU B 92 12.09 22.93 -11.41
N GLY B 93 12.29 21.65 -11.70
CA GLY B 93 13.05 21.35 -12.88
C GLY B 93 12.47 20.54 -14.01
N GLY B 94 13.39 20.24 -14.92
CA GLY B 94 13.11 19.42 -16.06
C GLY B 94 13.68 18.15 -15.49
N ASP B 95 14.76 17.66 -16.09
CA ASP B 95 15.39 16.44 -15.64
C ASP B 95 16.33 16.63 -14.45
N HIS B 96 16.68 15.52 -13.82
CA HIS B 96 17.52 15.56 -12.64
C HIS B 96 18.97 15.98 -12.81
N SER B 97 19.43 16.16 -14.04
CA SER B 97 20.81 16.57 -14.26
C SER B 97 21.05 17.93 -13.61
N MET B 98 19.98 18.73 -13.53
CA MET B 98 20.06 20.07 -12.94
C MET B 98 20.41 20.05 -11.43
N ALA B 99 20.52 18.86 -10.84
CA ALA B 99 20.88 18.75 -9.45
C ALA B 99 22.34 19.15 -9.29
N ILE B 100 23.12 18.93 -10.36
CA ILE B 100 24.54 19.27 -10.35
C ILE B 100 24.68 20.73 -9.92
N GLY B 101 23.99 21.61 -10.61
CA GLY B 101 24.05 23.02 -10.27
C GLY B 101 23.29 23.41 -9.01
N SER B 102 22.18 22.74 -8.72
CA SER B 102 21.40 23.10 -7.53
C SER B 102 22.21 22.88 -6.27
N ILE B 103 22.75 21.67 -6.14
CA ILE B 103 23.57 21.31 -4.99
C ILE B 103 24.89 22.08 -4.97
N SER B 104 25.52 22.22 -6.15
CA SER B 104 26.80 22.95 -6.24
C SER B 104 26.63 24.37 -5.71
N GLY B 105 25.60 25.06 -6.19
CA GLY B 105 25.35 26.42 -5.74
C GLY B 105 25.10 26.43 -4.24
N HIS B 106 24.25 25.50 -3.80
CA HIS B 106 23.92 25.39 -2.40
C HIS B 106 25.18 25.16 -1.53
N ALA B 107 26.03 24.22 -1.96
CA ALA B 107 27.25 23.91 -1.22
C ALA B 107 28.19 25.11 -1.09
N ARG B 108 28.16 26.01 -2.08
CA ARG B 108 29.03 27.18 -2.05
C ARG B 108 28.77 28.05 -0.82
N VAL B 109 27.51 28.14 -0.40
CA VAL B 109 27.12 28.93 0.76
C VAL B 109 27.08 28.06 2.01
N HIS B 110 26.67 26.81 1.85
CA HIS B 110 26.60 25.86 2.96
C HIS B 110 27.40 24.61 2.62
N PRO B 111 28.73 24.67 2.80
CA PRO B 111 29.63 23.54 2.51
C PRO B 111 29.42 22.31 3.38
N ASP B 112 28.73 22.47 4.51
CA ASP B 112 28.51 21.32 5.39
C ASP B 112 27.14 20.65 5.22
N LEU B 113 26.44 21.00 4.14
CA LEU B 113 25.12 20.44 3.88
C LEU B 113 25.16 18.95 3.57
N CYS B 114 24.07 18.28 3.89
CA CYS B 114 23.96 16.84 3.59
C CYS B 114 22.83 16.69 2.57
N VAL B 115 22.83 15.57 1.85
CA VAL B 115 21.84 15.33 0.81
C VAL B 115 21.00 14.08 1.02
N ILE B 116 19.68 14.23 0.83
CA ILE B 116 18.72 13.13 0.92
C ILE B 116 18.18 13.06 -0.50
N TRP B 117 18.43 11.93 -1.14
CA TRP B 117 18.06 11.74 -2.52
C TRP B 117 16.92 10.74 -2.69
N VAL B 118 15.73 11.24 -2.99
CA VAL B 118 14.59 10.35 -3.17
C VAL B 118 14.47 10.08 -4.66
N ASP B 119 14.71 8.83 -5.02
CA ASP B 119 14.75 8.45 -6.40
C ASP B 119 14.66 6.92 -6.50
N ALA B 120 14.15 6.43 -7.63
CA ALA B 120 14.08 5.00 -7.84
C ALA B 120 15.45 4.62 -8.33
N HIS B 121 16.21 5.65 -8.69
CA HIS B 121 17.55 5.51 -9.23
C HIS B 121 18.65 6.20 -8.44
N THR B 122 19.87 5.66 -8.52
CA THR B 122 21.00 6.23 -7.82
C THR B 122 21.64 7.43 -8.54
N ASP B 123 21.38 7.57 -9.83
CA ASP B 123 21.92 8.68 -10.64
C ASP B 123 23.40 8.95 -10.34
N ILE B 124 24.15 7.88 -10.14
CA ILE B 124 25.55 7.99 -9.81
C ILE B 124 26.47 7.34 -10.85
N ASN B 125 25.98 7.24 -12.08
CA ASN B 125 26.76 6.67 -13.16
C ASN B 125 27.79 7.69 -13.57
N THR B 126 28.95 7.22 -14.00
CA THR B 126 30.01 8.13 -14.45
C THR B 126 29.98 8.10 -15.98
N PRO B 127 30.61 9.08 -16.63
CA PRO B 127 30.65 9.13 -18.09
C PRO B 127 31.12 7.82 -18.70
N LEU B 128 31.89 7.05 -17.92
CA LEU B 128 32.42 5.78 -18.36
C LEU B 128 31.50 4.59 -18.08
N THR B 129 30.67 4.71 -17.05
CA THR B 129 29.77 3.62 -16.68
C THR B 129 28.33 3.82 -17.13
N THR B 130 28.07 4.68 -18.09
CA THR B 130 26.69 4.84 -18.51
C THR B 130 26.44 3.98 -19.74
N SER B 131 25.26 3.37 -19.79
CA SER B 131 24.88 2.55 -20.93
C SER B 131 24.27 3.52 -21.93
N SER B 132 23.89 4.69 -21.40
CA SER B 132 23.30 5.77 -22.19
C SER B 132 24.03 7.01 -21.72
N GLY B 133 24.39 7.90 -22.63
CA GLY B 133 25.08 9.09 -22.22
C GLY B 133 24.15 10.10 -21.57
N ASN B 134 23.00 9.65 -21.09
CA ASN B 134 22.04 10.56 -20.47
C ASN B 134 22.54 11.08 -19.13
N LEU B 135 22.79 12.39 -19.07
CA LEU B 135 23.31 13.04 -17.86
C LEU B 135 22.35 13.09 -16.67
N HIS B 136 21.06 12.97 -16.91
CA HIS B 136 20.13 13.00 -15.77
C HIS B 136 20.38 11.81 -14.88
N GLY B 137 21.19 10.86 -15.38
CA GLY B 137 21.54 9.68 -14.61
C GLY B 137 22.96 9.68 -14.05
N GLN B 138 23.62 10.83 -14.12
CA GLN B 138 24.99 10.95 -13.62
C GLN B 138 25.24 12.14 -12.69
N PRO B 139 24.17 12.81 -12.20
CA PRO B 139 24.34 13.98 -11.31
C PRO B 139 25.29 13.77 -10.10
N VAL B 140 25.01 12.75 -9.30
CA VAL B 140 25.82 12.49 -8.12
C VAL B 140 27.29 12.22 -8.42
N ALA B 141 27.56 11.66 -9.60
CA ALA B 141 28.93 11.34 -10.00
C ALA B 141 29.82 12.58 -10.14
N PHE B 142 29.20 13.71 -10.47
CA PHE B 142 29.93 14.98 -10.64
C PHE B 142 30.10 15.70 -9.32
N LEU B 143 29.22 15.38 -8.37
CA LEU B 143 29.24 16.02 -7.06
C LEU B 143 30.10 15.31 -6.01
N LEU B 144 30.28 14.00 -6.15
CA LEU B 144 31.06 13.25 -5.16
C LEU B 144 32.58 13.47 -5.22
N LYS B 145 33.17 13.73 -4.05
CA LYS B 145 34.60 13.94 -3.97
C LYS B 145 35.36 12.65 -4.24
N GLU B 146 34.85 11.53 -3.71
CA GLU B 146 35.48 10.22 -3.89
C GLU B 146 35.45 9.75 -5.34
N LEU B 147 34.73 10.46 -6.21
CA LEU B 147 34.64 10.07 -7.61
C LEU B 147 35.43 11.02 -8.49
N LYS B 148 36.06 12.00 -7.86
CA LYS B 148 36.87 12.99 -8.56
C LYS B 148 38.07 12.34 -9.26
N GLY B 149 38.15 12.53 -10.58
CA GLY B 149 39.26 11.97 -11.34
C GLY B 149 39.10 10.51 -11.71
N LYS B 150 37.96 9.91 -11.37
CA LYS B 150 37.73 8.51 -11.70
C LYS B 150 37.07 8.44 -13.07
N PHE B 151 37.06 9.58 -13.76
CA PHE B 151 36.47 9.67 -15.08
C PHE B 151 37.01 10.91 -15.78
N PRO B 152 37.15 10.85 -17.12
CA PRO B 152 37.66 12.00 -17.87
C PRO B 152 36.86 13.29 -17.64
N ASP B 153 37.51 14.42 -17.90
CA ASP B 153 36.84 15.70 -17.75
C ASP B 153 35.88 15.83 -18.93
N VAL B 154 34.68 16.33 -18.65
CA VAL B 154 33.66 16.48 -19.69
C VAL B 154 33.47 17.93 -20.07
N PRO B 155 33.39 18.21 -21.38
CA PRO B 155 33.20 19.56 -21.89
C PRO B 155 32.01 20.26 -21.24
N GLY B 156 32.27 21.40 -20.61
CA GLY B 156 31.22 22.17 -19.97
C GLY B 156 31.07 21.99 -18.47
N PHE B 157 31.84 21.11 -17.86
CA PHE B 157 31.74 20.88 -16.42
C PHE B 157 32.98 21.21 -15.64
N SER B 158 33.95 21.87 -16.26
CA SER B 158 35.19 22.20 -15.56
C SER B 158 34.94 23.11 -14.35
N TRP B 159 33.83 23.86 -14.38
CA TRP B 159 33.48 24.76 -13.29
C TRP B 159 33.03 24.01 -12.03
N VAL B 160 32.59 22.78 -12.19
CA VAL B 160 32.12 21.97 -11.07
C VAL B 160 33.20 21.54 -10.09
N THR B 161 32.90 21.65 -8.80
CA THR B 161 33.84 21.29 -7.74
C THR B 161 33.18 20.30 -6.77
N PRO B 162 33.65 19.03 -6.74
CA PRO B 162 33.07 18.04 -5.83
C PRO B 162 32.83 18.65 -4.45
N CYS B 163 31.56 18.80 -4.09
CA CYS B 163 31.19 19.42 -2.82
C CYS B 163 30.69 18.52 -1.71
N ILE B 164 30.31 17.28 -2.01
CA ILE B 164 29.86 16.38 -0.96
C ILE B 164 30.60 15.05 -1.07
N SER B 165 30.72 14.36 0.05
CA SER B 165 31.39 13.07 0.08
C SER B 165 30.36 11.98 0.26
N ALA B 166 30.79 10.74 0.13
CA ALA B 166 29.92 9.57 0.26
C ALA B 166 29.20 9.45 1.61
N LYS B 167 29.69 10.16 2.60
CA LYS B 167 29.10 10.11 3.94
C LYS B 167 28.05 11.18 4.17
N ASP B 168 27.87 12.06 3.18
CA ASP B 168 26.89 13.13 3.32
C ASP B 168 25.66 12.95 2.43
N ILE B 169 25.46 11.74 1.92
CA ILE B 169 24.30 11.49 1.06
C ILE B 169 23.52 10.23 1.42
N VAL B 170 22.19 10.36 1.50
CA VAL B 170 21.32 9.21 1.81
C VAL B 170 20.25 9.07 0.73
N TYR B 171 20.15 7.86 0.19
CA TYR B 171 19.19 7.54 -0.85
C TYR B 171 17.97 6.86 -0.23
N ILE B 172 16.79 7.13 -0.77
CA ILE B 172 15.57 6.50 -0.31
C ILE B 172 14.68 6.19 -1.51
N GLY B 173 14.36 4.89 -1.71
CA GLY B 173 13.51 4.49 -2.82
C GLY B 173 14.17 3.69 -3.92
N LEU B 174 15.41 3.26 -3.71
CA LEU B 174 16.14 2.51 -4.71
C LEU B 174 15.52 1.18 -5.09
N ARG B 175 15.49 0.95 -6.38
CA ARG B 175 14.93 -0.24 -7.02
C ARG B 175 15.38 -0.42 -8.48
N ASP B 176 16.21 0.50 -9.03
CA ASP B 176 16.62 0.29 -10.42
C ASP B 176 17.97 0.86 -10.54
N VAL B 177 18.93 0.08 -10.03
CA VAL B 177 20.30 0.51 -10.03
C VAL B 177 21.13 -0.34 -10.97
N ASP B 178 21.92 0.31 -11.81
CA ASP B 178 22.77 -0.39 -12.78
C ASP B 178 23.95 -1.06 -12.06
N PRO B 179 24.54 -2.09 -12.67
CA PRO B 179 25.67 -2.80 -12.06
C PRO B 179 26.78 -1.83 -11.62
N GLY B 180 27.19 -0.94 -12.53
CA GLY B 180 28.22 0.02 -12.21
C GLY B 180 27.87 0.86 -11.01
N GLU B 181 26.64 1.38 -11.01
CA GLU B 181 26.18 2.18 -9.89
C GLU B 181 26.20 1.38 -8.60
N HIS B 182 25.73 0.13 -8.67
CA HIS B 182 25.73 -0.73 -7.48
C HIS B 182 27.14 -1.03 -6.99
N TYR B 183 28.10 -1.08 -7.91
CA TYR B 183 29.49 -1.33 -7.57
C TYR B 183 30.01 -0.08 -6.84
N ILE B 184 29.62 1.08 -7.36
CA ILE B 184 30.02 2.36 -6.80
C ILE B 184 29.45 2.63 -5.40
N ILE B 185 28.16 2.34 -5.18
CA ILE B 185 27.56 2.59 -3.86
C ILE B 185 28.09 1.63 -2.79
N LYS B 186 28.37 0.39 -3.20
CA LYS B 186 28.91 -0.61 -2.28
C LYS B 186 30.37 -0.27 -1.98
N THR B 187 31.14 0.00 -3.03
CA THR B 187 32.55 0.34 -2.87
C THR B 187 32.78 1.59 -2.04
N LEU B 188 32.01 2.63 -2.30
CA LEU B 188 32.14 3.89 -1.57
C LEU B 188 31.51 3.88 -0.17
N GLY B 189 30.76 2.82 0.14
CA GLY B 189 30.13 2.72 1.43
C GLY B 189 28.95 3.67 1.64
N ILE B 190 28.37 4.16 0.55
CA ILE B 190 27.24 5.09 0.64
C ILE B 190 26.02 4.49 1.35
N LYS B 191 25.34 5.29 2.16
CA LYS B 191 24.16 4.83 2.90
C LYS B 191 22.91 4.93 2.02
N TYR B 192 22.14 3.86 1.99
CA TYR B 192 20.93 3.85 1.18
C TYR B 192 19.83 3.01 1.77
N PHE B 193 18.60 3.30 1.35
CA PHE B 193 17.41 2.60 1.77
C PHE B 193 16.65 2.30 0.49
N SER B 194 16.92 1.14 -0.11
CA SER B 194 16.20 0.77 -1.32
C SER B 194 14.81 0.35 -0.86
N MET B 195 13.97 -0.05 -1.81
CA MET B 195 12.64 -0.47 -1.43
C MET B 195 12.63 -1.63 -0.48
N THR B 196 13.60 -2.53 -0.59
CA THR B 196 13.61 -3.67 0.31
C THR B 196 13.79 -3.21 1.76
N GLU B 197 14.64 -2.20 2.01
CA GLU B 197 14.82 -1.70 3.37
C GLU B 197 13.57 -0.95 3.82
N VAL B 198 12.89 -0.27 2.87
CA VAL B 198 11.67 0.46 3.22
C VAL B 198 10.60 -0.56 3.64
N ASP B 199 10.52 -1.68 2.94
CA ASP B 199 9.55 -2.72 3.28
C ASP B 199 9.93 -3.33 4.63
N LYS B 200 11.21 -3.69 4.76
CA LYS B 200 11.68 -4.30 6.00
C LYS B 200 11.43 -3.45 7.21
N LEU B 201 11.98 -2.24 7.22
CA LEU B 201 11.90 -1.28 8.33
C LEU B 201 10.63 -0.45 8.48
N GLY B 202 10.03 -0.04 7.37
CA GLY B 202 8.87 0.82 7.45
C GLY B 202 9.45 2.21 7.28
N ILE B 203 8.70 3.11 6.65
CA ILE B 203 9.18 4.46 6.40
C ILE B 203 9.53 5.23 7.68
N GLY B 204 8.82 4.92 8.77
CA GLY B 204 9.07 5.58 10.04
C GLY B 204 10.50 5.36 10.53
N LYS B 205 10.92 4.10 10.62
CA LYS B 205 12.28 3.78 11.06
C LYS B 205 13.28 4.31 10.04
N VAL B 206 12.96 4.19 8.76
CA VAL B 206 13.84 4.67 7.70
C VAL B 206 14.22 6.14 7.93
N MET B 207 13.24 6.99 8.21
CA MET B 207 13.53 8.41 8.43
C MET B 207 14.36 8.59 9.69
N GLU B 208 14.00 7.86 10.73
CA GLU B 208 14.68 7.91 12.01
C GLU B 208 16.16 7.66 11.77
N GLU B 209 16.47 6.61 11.02
CA GLU B 209 17.86 6.27 10.73
C GLU B 209 18.57 7.24 9.81
N THR B 210 17.91 7.73 8.78
CA THR B 210 18.59 8.63 7.89
C THR B 210 18.97 9.95 8.61
N PHE B 211 18.30 10.26 9.70
CA PHE B 211 18.65 11.50 10.41
C PHE B 211 19.79 11.28 11.41
N SER B 212 19.74 10.19 12.16
CA SER B 212 20.79 9.92 13.12
C SER B 212 22.08 9.73 12.34
N TYR B 213 21.96 9.17 11.14
CA TYR B 213 23.11 8.93 10.27
C TYR B 213 23.72 10.23 9.76
N LEU B 214 22.87 11.16 9.33
CA LEU B 214 23.33 12.42 8.77
C LEU B 214 23.39 13.56 9.77
N LEU B 215 22.63 13.44 10.86
CA LEU B 215 22.57 14.50 11.84
C LEU B 215 23.04 14.13 13.24
N GLY B 216 23.28 12.85 13.46
CA GLY B 216 23.73 12.41 14.76
C GLY B 216 24.77 13.30 15.41
N ARG B 217 25.91 13.50 14.74
CA ARG B 217 26.98 14.33 15.27
C ARG B 217 26.72 15.82 15.23
N LYS B 218 26.63 16.38 14.03
CA LYS B 218 26.39 17.81 13.86
C LYS B 218 25.05 18.04 13.16
N LYS B 219 24.42 19.17 13.46
CA LYS B 219 23.16 19.53 12.81
C LYS B 219 23.61 20.39 11.63
N ARG B 220 23.16 20.07 10.42
CA ARG B 220 23.57 20.85 9.26
C ARG B 220 22.48 21.01 8.23
N PRO B 221 22.62 21.99 7.32
CA PRO B 221 21.62 22.22 6.27
C PRO B 221 21.32 20.93 5.54
N ILE B 222 20.06 20.72 5.21
CA ILE B 222 19.63 19.52 4.49
C ILE B 222 19.23 19.90 3.06
N HIS B 223 19.75 19.17 2.08
CA HIS B 223 19.34 19.43 0.70
C HIS B 223 18.51 18.24 0.21
N LEU B 224 17.27 18.48 -0.18
CA LEU B 224 16.41 17.37 -0.63
C LEU B 224 16.23 17.42 -2.13
N SER B 225 16.80 16.43 -2.79
CA SER B 225 16.69 16.32 -4.23
C SER B 225 15.64 15.24 -4.43
N PHE B 226 14.46 15.63 -4.90
CA PHE B 226 13.37 14.67 -5.06
C PHE B 226 13.05 14.31 -6.49
N ASP B 227 13.37 13.08 -6.87
CA ASP B 227 13.06 12.62 -8.22
C ASP B 227 11.66 12.06 -8.06
N VAL B 228 10.72 12.64 -8.77
CA VAL B 228 9.36 12.19 -8.74
C VAL B 228 9.20 10.69 -9.04
N ASP B 229 10.08 10.11 -9.85
CA ASP B 229 9.92 8.68 -10.11
C ASP B 229 10.23 7.81 -8.87
N GLY B 230 10.54 8.45 -7.75
CA GLY B 230 10.79 7.74 -6.50
C GLY B 230 9.50 7.10 -6.01
N LEU B 231 8.38 7.79 -6.23
CA LEU B 231 7.08 7.26 -5.86
C LEU B 231 6.69 6.32 -6.98
N ASP B 232 5.77 5.41 -6.65
CA ASP B 232 5.30 4.42 -7.61
C ASP B 232 4.57 5.07 -8.78
N PRO B 233 4.68 4.48 -9.98
CA PRO B 233 4.01 5.02 -11.16
C PRO B 233 2.52 5.27 -10.96
N VAL B 234 1.90 4.57 -10.03
CA VAL B 234 0.49 4.78 -9.76
C VAL B 234 0.25 6.17 -9.17
N PHE B 235 1.30 6.78 -8.64
CA PHE B 235 1.16 8.10 -8.03
C PHE B 235 1.72 9.22 -8.85
N THR B 236 2.84 8.98 -9.50
CA THR B 236 3.48 10.01 -10.30
C THR B 236 3.76 9.44 -11.71
N PRO B 237 2.71 8.99 -12.41
CA PRO B 237 2.86 8.40 -13.75
C PRO B 237 3.56 9.23 -14.81
N ALA B 238 3.30 10.52 -14.84
CA ALA B 238 3.91 11.37 -15.85
C ALA B 238 5.39 11.69 -15.58
N THR B 239 6.25 10.69 -15.81
CA THR B 239 7.70 10.79 -15.65
C THR B 239 8.38 9.95 -16.73
N GLY B 240 9.59 10.34 -17.09
CA GLY B 240 10.31 9.62 -18.12
C GLY B 240 10.77 8.22 -17.79
N THR B 241 11.13 7.95 -16.53
CA THR B 241 11.60 6.61 -16.17
C THR B 241 10.91 5.97 -14.97
N PRO B 242 9.63 5.57 -15.15
CA PRO B 242 8.84 4.94 -14.07
C PRO B 242 9.31 3.54 -13.72
N VAL B 243 9.23 3.20 -12.44
CA VAL B 243 9.64 1.89 -11.98
C VAL B 243 8.61 1.41 -10.96
N VAL B 244 7.99 0.27 -11.26
CA VAL B 244 6.99 -0.30 -10.39
C VAL B 244 7.55 -0.60 -8.99
N GLY B 245 6.65 -0.73 -8.01
CA GLY B 245 7.06 -1.06 -6.66
C GLY B 245 7.70 0.11 -5.93
N GLY B 246 7.19 1.30 -6.22
CA GLY B 246 7.75 2.50 -5.62
C GLY B 246 7.21 2.89 -4.29
N LEU B 247 7.68 4.03 -3.81
CA LEU B 247 7.22 4.57 -2.54
C LEU B 247 5.77 5.01 -2.80
N SER B 248 4.94 4.92 -1.75
CA SER B 248 3.56 5.32 -1.89
C SER B 248 3.42 6.80 -1.59
N TYR B 249 2.29 7.33 -2.00
CA TYR B 249 1.97 8.74 -1.79
C TYR B 249 2.13 9.07 -0.29
N ARG B 250 1.63 8.18 0.54
CA ARG B 250 1.71 8.35 1.99
C ARG B 250 3.16 8.41 2.42
N GLU B 251 3.95 7.44 2.02
CA GLU B 251 5.34 7.46 2.43
C GLU B 251 6.07 8.73 1.96
N GLY B 252 5.72 9.23 0.77
CA GLY B 252 6.36 10.42 0.22
C GLY B 252 6.12 11.63 1.10
N LEU B 253 4.87 11.79 1.52
CA LEU B 253 4.51 12.90 2.38
C LEU B 253 5.13 12.72 3.75
N TYR B 254 5.29 11.47 4.18
CA TYR B 254 5.89 11.24 5.48
C TYR B 254 7.29 11.81 5.42
N ILE B 255 8.05 11.38 4.42
CA ILE B 255 9.43 11.84 4.23
C ILE B 255 9.47 13.36 4.29
N THR B 256 8.60 14.01 3.51
CA THR B 256 8.58 15.46 3.50
C THR B 256 8.09 16.08 4.81
N GLU B 257 7.17 15.41 5.50
CA GLU B 257 6.67 15.91 6.78
C GLU B 257 7.77 15.86 7.83
N GLU B 258 8.56 14.79 7.80
CA GLU B 258 9.66 14.62 8.73
C GLU B 258 10.81 15.60 8.44
N ILE B 259 11.11 15.81 7.17
CA ILE B 259 12.17 16.72 6.83
C ILE B 259 11.75 18.15 7.24
N TYR B 260 10.45 18.45 7.16
CA TYR B 260 10.00 19.77 7.59
C TYR B 260 10.23 19.96 9.09
N LYS B 261 9.88 18.94 9.87
CA LYS B 261 10.01 19.00 11.31
C LYS B 261 11.42 19.27 11.82
N THR B 262 12.44 18.80 11.11
CA THR B 262 13.81 19.05 11.56
C THR B 262 14.13 20.53 11.58
N GLY B 263 13.43 21.31 10.76
CA GLY B 263 13.67 22.73 10.72
C GLY B 263 14.99 23.03 10.02
N LEU B 264 15.60 21.99 9.45
CA LEU B 264 16.87 22.08 8.75
C LEU B 264 16.84 22.12 7.21
N LEU B 265 15.65 22.04 6.59
CA LEU B 265 15.59 22.10 5.12
C LEU B 265 16.20 23.40 4.60
N SER B 266 17.24 23.29 3.77
CA SER B 266 17.96 24.45 3.24
C SER B 266 17.91 24.56 1.72
N GLY B 267 17.69 23.44 1.06
CA GLY B 267 17.62 23.41 -0.39
C GLY B 267 16.65 22.33 -0.83
N LEU B 268 16.00 22.50 -1.98
CA LEU B 268 15.04 21.52 -2.47
C LEU B 268 15.00 21.49 -4.02
N ASP B 269 14.82 20.29 -4.60
CA ASP B 269 14.68 20.08 -6.08
C ASP B 269 13.52 19.09 -6.33
N ILE B 270 12.48 19.53 -7.04
CA ILE B 270 11.32 18.71 -7.38
C ILE B 270 11.50 18.46 -8.88
N MET B 271 12.03 17.28 -9.21
CA MET B 271 12.39 16.96 -10.60
C MET B 271 11.64 15.83 -11.30
N GLU B 272 11.86 15.79 -12.62
CA GLU B 272 11.32 14.79 -13.54
C GLU B 272 9.83 14.79 -13.80
N VAL B 273 9.13 15.86 -13.46
CA VAL B 273 7.71 15.91 -13.75
C VAL B 273 7.64 16.24 -15.24
N ASN B 274 7.15 15.31 -16.05
CA ASN B 274 7.05 15.55 -17.50
C ASN B 274 5.59 15.55 -17.91
N PRO B 275 4.97 16.73 -17.95
CA PRO B 275 3.55 16.95 -18.31
C PRO B 275 3.09 16.30 -19.62
N THR B 276 4.04 16.00 -20.50
CA THR B 276 3.68 15.40 -21.78
C THR B 276 3.63 13.87 -21.73
N LEU B 277 4.16 13.25 -20.69
CA LEU B 277 4.15 11.79 -20.61
C LEU B 277 2.90 11.19 -19.96
N GLY B 278 1.89 12.02 -19.72
CA GLY B 278 0.67 11.50 -19.12
C GLY B 278 -0.25 10.86 -20.15
N LYS B 279 -0.45 9.56 -20.05
CA LYS B 279 -1.34 8.83 -20.98
C LYS B 279 -2.76 9.39 -21.04
N THR B 280 -3.15 10.08 -19.98
CA THR B 280 -4.47 10.70 -19.92
C THR B 280 -4.26 12.00 -19.14
N PRO B 281 -5.07 13.03 -19.44
CA PRO B 281 -4.90 14.29 -18.71
C PRO B 281 -4.84 14.05 -17.20
N GLU B 282 -5.61 13.08 -16.71
CA GLU B 282 -5.67 12.76 -15.30
C GLU B 282 -4.31 12.30 -14.75
N GLU B 283 -3.57 11.55 -15.57
CA GLU B 283 -2.25 11.07 -15.14
C GLU B 283 -1.25 12.21 -14.94
N VAL B 284 -1.46 13.31 -15.65
CA VAL B 284 -0.58 14.47 -15.51
C VAL B 284 -1.01 15.30 -14.30
N THR B 285 -2.32 15.41 -14.12
CA THR B 285 -2.89 16.14 -13.00
C THR B 285 -2.48 15.47 -11.70
N ARG B 286 -2.54 14.15 -11.72
CA ARG B 286 -2.18 13.34 -10.58
C ARG B 286 -0.74 13.64 -10.16
N THR B 287 0.17 13.52 -11.14
CA THR B 287 1.61 13.74 -10.95
C THR B 287 1.92 15.12 -10.42
N VAL B 288 1.33 16.12 -11.07
CA VAL B 288 1.53 17.52 -10.74
C VAL B 288 1.01 17.83 -9.34
N ASN B 289 -0.17 17.33 -9.00
CA ASN B 289 -0.76 17.59 -7.68
C ASN B 289 0.08 16.96 -6.56
N THR B 290 0.64 15.79 -6.86
CA THR B 290 1.42 15.10 -5.88
C THR B 290 2.75 15.83 -5.65
N ALA B 291 3.35 16.32 -6.72
CA ALA B 291 4.59 17.06 -6.64
C ALA B 291 4.33 18.31 -5.83
N VAL B 292 3.20 18.96 -6.09
CA VAL B 292 2.86 20.17 -5.35
C VAL B 292 2.64 19.83 -3.88
N ALA B 293 1.97 18.70 -3.64
CA ALA B 293 1.65 18.25 -2.31
C ALA B 293 2.92 18.09 -1.46
N LEU B 294 3.88 17.36 -2.03
CA LEU B 294 5.15 17.10 -1.38
C LEU B 294 5.88 18.42 -1.08
N THR B 295 5.82 19.36 -2.01
CA THR B 295 6.48 20.65 -1.81
C THR B 295 5.87 21.38 -0.63
N LEU B 296 4.55 21.45 -0.59
CA LEU B 296 3.84 22.12 0.50
C LEU B 296 4.12 21.42 1.82
N SER B 297 4.28 20.11 1.77
CA SER B 297 4.57 19.35 2.98
C SER B 297 5.95 19.72 3.52
N CYS B 298 6.90 19.94 2.61
CA CYS B 298 8.26 20.29 2.97
C CYS B 298 8.27 21.57 3.73
N PHE B 299 7.26 22.39 3.47
CA PHE B 299 7.17 23.68 4.14
C PHE B 299 6.07 23.89 5.19
N GLY B 300 5.68 22.83 5.89
CA GLY B 300 4.66 22.98 6.94
C GLY B 300 3.31 22.26 6.91
N THR B 301 2.70 22.13 5.74
CA THR B 301 1.40 21.46 5.64
C THR B 301 1.48 20.07 6.22
N LYS B 302 0.68 19.83 7.24
CA LYS B 302 0.64 18.55 7.93
C LYS B 302 -0.70 17.87 7.63
N ARG B 303 -0.70 16.56 7.48
CA ARG B 303 -1.93 15.85 7.20
C ARG B 303 -2.87 15.91 8.42
N GLU B 304 -2.30 16.14 9.61
CA GLU B 304 -3.10 16.26 10.82
C GLU B 304 -3.81 17.62 10.85
N GLY B 305 -3.38 18.54 9.98
CA GLY B 305 -3.97 19.86 9.96
C GLY B 305 -2.97 20.94 10.33
N ASN B 306 -3.39 22.20 10.28
CA ASN B 306 -2.57 23.37 10.62
C ASN B 306 -3.55 24.46 10.99
N HIS B 307 -3.15 25.38 11.88
CA HIS B 307 -4.03 26.50 12.21
C HIS B 307 -3.12 27.65 12.53
N LYS B 308 -3.57 28.88 12.24
CA LYS B 308 -2.73 30.04 12.48
C LYS B 308 -2.59 30.42 13.95
N PRO B 309 -1.35 30.68 14.37
CA PRO B 309 -0.98 31.08 15.73
C PRO B 309 -1.70 32.33 16.22
N GLU B 310 -1.88 32.44 17.52
CA GLU B 310 -2.52 33.61 18.11
C GLU B 310 -3.96 33.84 17.68
N THR B 311 -4.52 32.92 16.90
CA THR B 311 -5.90 33.08 16.45
C THR B 311 -6.82 32.13 17.21
N ASP B 312 -7.80 32.71 17.91
CA ASP B 312 -8.77 31.95 18.68
C ASP B 312 -9.99 31.67 17.79
N TYR B 313 -10.02 30.50 17.18
CA TYR B 313 -11.12 30.15 16.29
C TYR B 313 -12.44 29.97 17.03
N LEU B 314 -12.43 30.10 18.36
CA LEU B 314 -13.64 29.97 19.16
C LEU B 314 -14.11 31.30 19.73
N LYS C 1 -24.77 -12.95 21.72
CA LYS C 1 -25.14 -11.50 21.84
C LYS C 1 -26.02 -11.06 20.65
N PRO C 2 -27.01 -10.20 20.90
CA PRO C 2 -27.92 -9.71 19.87
C PRO C 2 -27.45 -8.44 19.15
N ILE C 3 -27.74 -8.38 17.85
CA ILE C 3 -27.36 -7.23 17.05
C ILE C 3 -28.63 -6.61 16.49
N GLU C 4 -28.70 -5.27 16.50
CA GLU C 4 -29.86 -4.62 15.94
C GLU C 4 -29.44 -3.63 14.88
N ILE C 5 -29.86 -3.88 13.64
CA ILE C 5 -29.52 -2.99 12.54
C ILE C 5 -30.59 -1.89 12.46
N ILE C 6 -30.15 -0.63 12.45
CA ILE C 6 -31.07 0.48 12.36
C ILE C 6 -30.70 1.33 11.15
N GLY C 7 -31.61 1.40 10.17
CA GLY C 7 -31.35 2.18 8.98
C GLY C 7 -31.62 3.66 9.19
N ALA C 8 -30.68 4.50 8.77
CA ALA C 8 -30.81 5.96 8.89
C ALA C 8 -30.64 6.63 7.51
N PRO C 9 -31.65 6.48 6.63
CA PRO C 9 -31.54 7.09 5.31
C PRO C 9 -31.75 8.60 5.39
N PHE C 10 -30.70 9.32 5.79
CA PHE C 10 -30.75 10.77 5.94
C PHE C 10 -29.61 11.37 5.11
N SER C 11 -29.86 12.52 4.49
CA SER C 11 -28.84 13.16 3.67
C SER C 11 -28.69 14.66 3.87
N LYS C 12 -29.54 15.27 4.70
CA LYS C 12 -29.46 16.71 4.93
C LYS C 12 -28.25 17.15 5.74
N GLY C 13 -27.38 16.21 6.05
CA GLY C 13 -26.19 16.56 6.80
C GLY C 13 -25.15 17.13 5.87
N GLN C 14 -25.37 16.97 4.55
CA GLN C 14 -24.46 17.49 3.54
C GLN C 14 -25.13 17.74 2.16
N PRO C 15 -24.45 18.48 1.26
CA PRO C 15 -24.88 18.85 -0.09
C PRO C 15 -25.43 17.75 -0.98
N ARG C 16 -24.52 16.82 -1.26
CA ARG C 16 -24.78 15.69 -2.15
C ARG C 16 -25.90 14.76 -1.81
N GLY C 17 -26.79 14.62 -2.79
CA GLY C 17 -27.93 13.75 -2.64
C GLY C 17 -27.50 12.36 -3.00
N GLY C 18 -28.04 11.38 -2.29
CA GLY C 18 -27.69 10.00 -2.56
C GLY C 18 -27.36 9.17 -1.34
N VAL C 19 -26.67 9.76 -0.36
CA VAL C 19 -26.32 9.01 0.85
C VAL C 19 -27.51 8.36 1.54
N GLU C 20 -28.69 8.98 1.43
CA GLU C 20 -29.89 8.42 2.04
C GLU C 20 -30.17 7.03 1.47
N LYS C 21 -29.59 6.73 0.31
CA LYS C 21 -29.78 5.44 -0.32
C LYS C 21 -28.79 4.42 0.24
N GLY C 22 -27.84 4.87 1.06
CA GLY C 22 -26.83 3.98 1.63
C GLY C 22 -27.37 2.71 2.27
N PRO C 23 -28.36 2.81 3.17
CA PRO C 23 -28.95 1.65 3.84
C PRO C 23 -29.52 0.58 2.90
N ALA C 24 -30.22 1.01 1.84
CA ALA C 24 -30.78 0.08 0.87
C ALA C 24 -29.68 -0.71 0.12
N ALA C 25 -28.63 -0.01 -0.30
CA ALA C 25 -27.54 -0.68 -1.01
C ALA C 25 -26.85 -1.70 -0.08
N LEU C 26 -26.61 -1.32 1.17
CA LEU C 26 -25.97 -2.21 2.12
C LEU C 26 -26.79 -3.49 2.33
N ARG C 27 -28.10 -3.33 2.43
CA ARG C 27 -28.98 -4.49 2.60
C ARG C 27 -29.01 -5.32 1.31
N LYS C 28 -29.17 -4.64 0.18
CA LYS C 28 -29.18 -5.30 -1.11
C LYS C 28 -27.92 -6.16 -1.25
N ALA C 29 -26.81 -5.68 -0.72
CA ALA C 29 -25.55 -6.42 -0.79
C ALA C 29 -25.55 -7.66 0.10
N GLY C 30 -26.63 -7.83 0.87
CA GLY C 30 -26.73 -8.98 1.75
C GLY C 30 -26.19 -8.84 3.16
N LEU C 31 -25.97 -7.60 3.60
CA LEU C 31 -25.44 -7.34 4.94
C LEU C 31 -26.15 -8.13 6.05
N VAL C 32 -27.48 -8.10 6.06
CA VAL C 32 -28.25 -8.80 7.07
C VAL C 32 -28.11 -10.32 7.03
N GLU C 33 -28.22 -10.90 5.83
CA GLU C 33 -28.09 -12.35 5.69
C GLU C 33 -26.68 -12.80 6.11
N LYS C 34 -25.66 -12.08 5.66
CA LYS C 34 -24.29 -12.41 6.00
C LYS C 34 -24.04 -12.32 7.50
N LEU C 35 -24.63 -11.32 8.15
CA LEU C 35 -24.46 -11.16 9.59
C LEU C 35 -25.03 -12.38 10.33
N LYS C 36 -26.19 -12.84 9.88
CA LYS C 36 -26.82 -13.99 10.52
C LYS C 36 -25.92 -15.23 10.48
N GLU C 37 -24.99 -15.26 9.53
CA GLU C 37 -24.09 -16.40 9.42
C GLU C 37 -23.02 -16.34 10.49
N THR C 38 -22.99 -15.26 11.27
CA THR C 38 -22.01 -15.12 12.34
C THR C 38 -22.59 -15.70 13.61
N GLU C 39 -21.84 -15.62 14.70
CA GLU C 39 -22.29 -16.16 15.99
C GLU C 39 -23.27 -15.24 16.72
N TYR C 40 -23.72 -14.19 16.06
CA TYR C 40 -24.65 -13.27 16.70
C TYR C 40 -26.08 -13.37 16.19
N ASN C 41 -27.01 -13.06 17.08
CA ASN C 41 -28.42 -13.07 16.73
C ASN C 41 -28.63 -11.72 16.07
N VAL C 42 -29.19 -11.74 14.87
CA VAL C 42 -29.41 -10.51 14.14
C VAL C 42 -30.86 -10.09 14.00
N ARG C 43 -31.20 -8.91 14.48
CA ARG C 43 -32.54 -8.45 14.27
C ARG C 43 -32.39 -7.20 13.40
N ASP C 44 -33.26 -7.03 12.40
CA ASP C 44 -33.24 -5.85 11.53
C ASP C 44 -34.44 -5.04 11.92
N HIS C 45 -34.16 -3.82 12.35
CA HIS C 45 -35.17 -2.92 12.80
C HIS C 45 -35.83 -2.20 11.66
N GLY C 46 -35.18 -2.17 10.51
CA GLY C 46 -35.74 -1.47 9.36
C GLY C 46 -35.22 -0.05 9.36
N ASP C 47 -35.62 0.74 8.37
CA ASP C 47 -35.19 2.13 8.26
C ASP C 47 -36.15 3.06 8.98
N LEU C 48 -35.63 4.13 9.55
CA LEU C 48 -36.47 5.11 10.25
C LEU C 48 -37.03 6.08 9.22
N ALA C 49 -38.26 6.56 9.46
CA ALA C 49 -38.88 7.52 8.56
C ALA C 49 -38.66 8.89 9.16
N PHE C 50 -37.94 9.76 8.45
CA PHE C 50 -37.67 11.09 8.98
C PHE C 50 -38.64 12.13 8.45
N VAL C 51 -39.34 12.77 9.38
CA VAL C 51 -40.31 13.83 9.05
C VAL C 51 -39.57 15.11 8.68
N ASP C 52 -39.78 15.57 7.45
CA ASP C 52 -39.13 16.78 6.97
C ASP C 52 -39.69 18.06 7.56
N VAL C 53 -38.82 18.81 8.22
CA VAL C 53 -39.21 20.09 8.84
C VAL C 53 -39.39 21.15 7.77
N PRO C 54 -40.64 21.59 7.54
CA PRO C 54 -40.92 22.62 6.53
C PRO C 54 -40.43 23.99 6.96
N ASN C 55 -39.97 24.79 5.99
CA ASN C 55 -39.48 26.13 6.27
C ASN C 55 -38.30 26.11 7.24
N ASP C 56 -37.38 25.17 6.99
CA ASP C 56 -36.19 25.01 7.81
C ASP C 56 -35.14 26.01 7.36
N SER C 57 -35.26 27.23 7.86
CA SER C 57 -34.31 28.29 7.52
C SER C 57 -32.95 27.98 8.12
N PRO C 58 -31.86 28.33 7.42
CA PRO C 58 -30.50 28.07 7.90
C PRO C 58 -30.10 28.97 9.07
N PHE C 59 -29.59 28.35 10.13
CA PHE C 59 -29.15 29.07 11.32
C PHE C 59 -27.81 29.70 11.01
N GLN C 60 -27.83 30.96 10.58
CA GLN C 60 -26.60 31.65 10.22
C GLN C 60 -26.04 30.90 9.01
N ILE C 61 -25.00 30.11 9.22
CA ILE C 61 -24.39 29.36 8.12
C ILE C 61 -24.84 27.89 8.08
N VAL C 62 -25.26 27.37 9.23
CA VAL C 62 -25.71 25.97 9.32
C VAL C 62 -26.98 25.74 8.50
N LYS C 63 -26.95 24.71 7.65
CA LYS C 63 -28.08 24.39 6.78
C LYS C 63 -28.93 23.23 7.28
N ASN C 64 -30.24 23.35 7.09
CA ASN C 64 -31.19 22.34 7.52
C ASN C 64 -30.94 21.95 8.99
N PRO C 65 -30.83 22.94 9.89
CA PRO C 65 -30.59 22.64 11.30
C PRO C 65 -31.72 21.85 11.96
N ARG C 66 -32.95 22.22 11.65
CA ARG C 66 -34.13 21.57 12.22
C ARG C 66 -34.36 20.16 11.72
N SER C 67 -34.21 19.95 10.42
CA SER C 67 -34.39 18.62 9.86
C SER C 67 -33.32 17.69 10.42
N VAL C 68 -32.11 18.21 10.59
CA VAL C 68 -31.00 17.42 11.12
C VAL C 68 -31.15 17.19 12.61
N GLY C 69 -31.64 18.21 13.32
CA GLY C 69 -31.82 18.08 14.76
C GLY C 69 -32.91 17.09 15.11
N LYS C 70 -34.01 17.13 14.35
CA LYS C 70 -35.14 16.23 14.61
C LYS C 70 -34.84 14.80 14.20
N ALA C 71 -34.17 14.64 13.06
CA ALA C 71 -33.82 13.30 12.58
C ALA C 71 -32.93 12.59 13.61
N ASN C 72 -31.98 13.31 14.17
CA ASN C 72 -31.07 12.74 15.16
C ASN C 72 -31.76 12.49 16.49
N GLU C 73 -32.72 13.34 16.86
CA GLU C 73 -33.45 13.16 18.11
C GLU C 73 -34.20 11.84 18.05
N GLN C 74 -34.80 11.54 16.89
CA GLN C 74 -35.53 10.28 16.71
C GLN C 74 -34.59 9.05 16.78
N LEU C 75 -33.46 9.12 16.10
CA LEU C 75 -32.48 8.02 16.11
C LEU C 75 -31.97 7.74 17.52
N ALA C 76 -31.61 8.79 18.24
CA ALA C 76 -31.13 8.64 19.61
C ALA C 76 -32.16 7.88 20.46
N ALA C 77 -33.44 8.19 20.26
CA ALA C 77 -34.49 7.52 21.01
C ALA C 77 -34.46 6.06 20.68
N VAL C 78 -34.43 5.75 19.39
CA VAL C 78 -34.40 4.37 18.95
C VAL C 78 -33.17 3.62 19.41
N VAL C 79 -32.00 4.25 19.33
CA VAL C 79 -30.77 3.59 19.75
C VAL C 79 -30.77 3.35 21.25
N ALA C 80 -31.30 4.30 22.01
CA ALA C 80 -31.35 4.17 23.46
C ALA C 80 -32.17 2.93 23.83
N GLU C 81 -33.32 2.80 23.17
CA GLU C 81 -34.24 1.69 23.41
C GLU C 81 -33.60 0.32 23.22
N THR C 82 -32.86 0.16 22.13
CA THR C 82 -32.22 -1.11 21.83
C THR C 82 -31.04 -1.39 22.74
N GLN C 83 -30.29 -0.35 23.07
CA GLN C 83 -29.14 -0.50 23.95
C GLN C 83 -29.68 -0.97 25.27
N LYS C 84 -30.79 -0.37 25.67
CA LYS C 84 -31.49 -0.69 26.91
C LYS C 84 -31.74 -2.20 27.00
N ASN C 85 -32.16 -2.78 25.87
CA ASN C 85 -32.45 -4.19 25.80
C ASN C 85 -31.21 -5.08 25.67
N GLY C 86 -30.03 -4.48 25.89
CA GLY C 86 -28.80 -5.23 25.82
C GLY C 86 -28.31 -5.65 24.45
N THR C 87 -28.73 -4.96 23.40
CA THR C 87 -28.28 -5.32 22.07
C THR C 87 -27.22 -4.33 21.57
N ILE C 88 -26.43 -4.76 20.60
CA ILE C 88 -25.41 -3.89 20.01
C ILE C 88 -26.09 -3.23 18.83
N SER C 89 -26.11 -1.90 18.79
CA SER C 89 -26.75 -1.22 17.68
C SER C 89 -25.80 -1.02 16.52
N VAL C 90 -26.34 -1.12 15.31
CA VAL C 90 -25.56 -0.95 14.08
C VAL C 90 -26.32 0.05 13.19
N VAL C 91 -25.85 1.28 13.13
CA VAL C 91 -26.50 2.30 12.33
C VAL C 91 -25.97 2.39 10.90
N LEU C 92 -26.81 2.07 9.92
CA LEU C 92 -26.45 2.14 8.51
C LEU C 92 -26.96 3.51 8.12
N GLY C 93 -26.07 4.43 7.79
CA GLY C 93 -26.59 5.74 7.51
C GLY C 93 -26.44 6.39 6.16
N GLY C 94 -26.75 7.68 6.20
CA GLY C 94 -26.63 8.53 5.05
C GLY C 94 -25.36 9.22 5.48
N ASP C 95 -25.45 10.51 5.76
CA ASP C 95 -24.27 11.26 6.17
C ASP C 95 -23.92 11.08 7.64
N HIS C 96 -22.72 11.50 8.00
CA HIS C 96 -22.22 11.36 9.36
C HIS C 96 -22.87 12.23 10.45
N SER C 97 -23.73 13.17 10.05
CA SER C 97 -24.39 14.00 11.05
C SER C 97 -25.23 13.13 11.97
N MET C 98 -25.68 11.99 11.48
CA MET C 98 -26.48 11.07 12.29
C MET C 98 -25.73 10.46 13.47
N ALA C 99 -24.42 10.73 13.57
CA ALA C 99 -23.64 10.20 14.69
C ALA C 99 -24.09 10.91 15.98
N ILE C 100 -24.56 12.14 15.84
CA ILE C 100 -25.05 12.92 16.97
C ILE C 100 -26.05 12.07 17.75
N GLY C 101 -27.07 11.59 17.04
CA GLY C 101 -28.08 10.77 17.67
C GLY C 101 -27.65 9.36 18.02
N SER C 102 -26.81 8.75 17.18
CA SER C 102 -26.32 7.39 17.43
C SER C 102 -25.60 7.33 18.77
N ILE C 103 -24.59 8.17 18.93
CA ILE C 103 -23.78 8.23 20.15
C ILE C 103 -24.58 8.76 21.34
N SER C 104 -25.44 9.75 21.10
CA SER C 104 -26.26 10.31 22.18
C SER C 104 -27.14 9.22 22.79
N GLY C 105 -27.85 8.48 21.95
CA GLY C 105 -28.69 7.42 22.46
C GLY C 105 -27.83 6.40 23.17
N HIS C 106 -26.74 6.00 22.54
CA HIS C 106 -25.85 5.02 23.12
C HIS C 106 -25.36 5.46 24.50
N ALA C 107 -24.95 6.72 24.61
CA ALA C 107 -24.44 7.23 25.88
C ALA C 107 -25.48 7.23 27.00
N ARG C 108 -26.75 7.36 26.63
CA ARG C 108 -27.83 7.36 27.61
C ARG C 108 -27.87 6.06 28.41
N VAL C 109 -27.55 4.94 27.78
CA VAL C 109 -27.54 3.63 28.44
C VAL C 109 -26.14 3.30 28.94
N HIS C 110 -25.14 3.72 28.18
CA HIS C 110 -23.73 3.47 28.54
C HIS C 110 -22.98 4.79 28.57
N PRO C 111 -23.13 5.54 29.67
CA PRO C 111 -22.46 6.83 29.83
C PRO C 111 -20.94 6.77 29.89
N ASP C 112 -20.36 5.60 30.15
CA ASP C 112 -18.90 5.49 30.22
C ASP C 112 -18.25 5.01 28.92
N LEU C 113 -19.01 5.02 27.83
CA LEU C 113 -18.51 4.58 26.53
C LEU C 113 -17.43 5.47 25.95
N CYS C 114 -16.56 4.88 25.15
CA CYS C 114 -15.51 5.67 24.50
C CYS C 114 -15.76 5.58 23.00
N VAL C 115 -15.21 6.53 22.27
CA VAL C 115 -15.41 6.58 20.82
C VAL C 115 -14.16 6.45 19.97
N ILE C 116 -14.24 5.64 18.92
CA ILE C 116 -13.14 5.47 17.98
C ILE C 116 -13.75 5.96 16.67
N TRP C 117 -13.23 7.08 16.19
CA TRP C 117 -13.75 7.72 14.98
C TRP C 117 -12.82 7.52 13.76
N VAL C 118 -13.22 6.69 12.80
CA VAL C 118 -12.42 6.45 11.61
C VAL C 118 -12.96 7.34 10.52
N ASP C 119 -12.12 8.28 10.12
CA ASP C 119 -12.56 9.30 9.20
C ASP C 119 -11.36 10.07 8.68
N ALA C 120 -11.46 10.58 7.45
CA ALA C 120 -10.36 11.37 6.89
C ALA C 120 -10.51 12.77 7.47
N HIS C 121 -11.65 13.00 8.11
CA HIS C 121 -12.00 14.27 8.73
C HIS C 121 -12.29 14.16 10.23
N THR C 122 -12.11 15.28 10.92
CA THR C 122 -12.35 15.34 12.36
C THR C 122 -13.81 15.59 12.70
N ASP C 123 -14.58 16.10 11.74
CA ASP C 123 -16.00 16.39 11.92
C ASP C 123 -16.26 17.06 13.27
N ILE C 124 -15.37 17.97 13.65
CA ILE C 124 -15.48 18.65 14.91
C ILE C 124 -15.61 20.19 14.75
N ASN C 125 -16.10 20.62 13.60
CA ASN C 125 -16.32 22.03 13.37
C ASN C 125 -17.55 22.46 14.17
N THR C 126 -17.56 23.70 14.63
CA THR C 126 -18.70 24.22 15.38
C THR C 126 -19.48 25.11 14.42
N PRO C 127 -20.74 25.42 14.77
CA PRO C 127 -21.55 26.28 13.91
C PRO C 127 -20.84 27.58 13.50
N LEU C 128 -19.92 28.04 14.34
CA LEU C 128 -19.16 29.28 14.10
C LEU C 128 -17.92 29.03 13.26
N THR C 129 -17.28 27.89 13.47
CA THR C 129 -16.10 27.54 12.71
C THR C 129 -16.49 26.65 11.58
N THR C 130 -17.44 27.02 10.75
CA THR C 130 -17.63 26.10 9.68
C THR C 130 -17.61 26.92 8.42
N SER C 131 -16.89 26.44 7.39
CA SER C 131 -16.79 27.16 6.14
C SER C 131 -18.03 26.89 5.31
N SER C 132 -18.70 25.79 5.65
CA SER C 132 -19.93 25.35 5.01
C SER C 132 -20.84 24.91 6.14
N GLY C 133 -22.08 25.37 6.15
CA GLY C 133 -22.99 24.98 7.22
C GLY C 133 -23.34 23.52 7.22
N ASN C 134 -22.56 22.68 6.53
CA ASN C 134 -22.83 21.25 6.48
C ASN C 134 -22.61 20.53 7.80
N LEU C 135 -23.71 20.07 8.38
CA LEU C 135 -23.68 19.41 9.69
C LEU C 135 -22.92 18.06 9.74
N HIS C 136 -22.74 17.43 8.55
CA HIS C 136 -22.08 16.11 8.66
C HIS C 136 -20.59 16.22 9.11
N GLY C 137 -20.25 17.53 8.93
CA GLY C 137 -18.82 17.92 9.51
C GLY C 137 -18.81 18.54 10.87
N GLN C 138 -19.87 18.46 11.64
CA GLN C 138 -19.90 19.05 12.99
C GLN C 138 -20.44 18.12 14.07
N PRO C 139 -20.57 16.81 13.79
CA PRO C 139 -21.10 15.87 14.78
C PRO C 139 -20.43 15.89 16.16
N VAL C 140 -19.11 15.73 16.17
CA VAL C 140 -18.36 15.70 17.42
C VAL C 140 -18.53 16.99 18.22
N ALA C 141 -18.70 18.12 17.54
CA ALA C 141 -18.86 19.40 18.23
C ALA C 141 -20.09 19.47 19.12
N PHE C 142 -21.14 18.71 18.78
CA PHE C 142 -22.37 18.71 19.58
C PHE C 142 -22.27 17.71 20.72
N LEU C 143 -21.37 16.74 20.57
CA LEU C 143 -21.20 15.70 21.56
C LEU C 143 -20.18 16.01 22.65
N LEU C 144 -19.17 16.80 22.34
CA LEU C 144 -18.13 17.13 23.32
C LEU C 144 -18.56 18.07 24.43
N LYS C 145 -18.25 17.68 25.66
CA LYS C 145 -18.58 18.46 26.86
C LYS C 145 -17.74 19.74 26.89
N GLU C 146 -16.46 19.62 26.53
CA GLU C 146 -15.55 20.76 26.51
C GLU C 146 -15.91 21.82 25.47
N LEU C 147 -16.86 21.49 24.60
CA LEU C 147 -17.28 22.42 23.56
C LEU C 147 -18.65 23.01 23.86
N LYS C 148 -19.20 22.62 25.00
CA LYS C 148 -20.51 23.09 25.43
C LYS C 148 -20.52 24.59 25.70
N GLY C 149 -21.38 25.31 25.00
CA GLY C 149 -21.48 26.74 25.19
C GLY C 149 -20.44 27.54 24.44
N LYS C 150 -19.62 26.88 23.64
CA LYS C 150 -18.60 27.59 22.87
C LYS C 150 -19.18 27.95 21.52
N PHE C 151 -20.49 27.81 21.40
CA PHE C 151 -21.20 28.12 20.17
C PHE C 151 -22.68 28.29 20.48
N PRO C 152 -23.37 29.18 19.75
CA PRO C 152 -24.81 29.41 19.98
C PRO C 152 -25.64 28.15 19.89
N ASP C 153 -26.83 28.19 20.49
CA ASP C 153 -27.73 27.05 20.45
C ASP C 153 -28.34 27.01 19.07
N VAL C 154 -28.41 25.82 18.49
CA VAL C 154 -28.97 25.66 17.15
C VAL C 154 -30.36 25.06 17.16
N PRO C 155 -31.28 25.63 16.37
CA PRO C 155 -32.66 25.16 16.28
C PRO C 155 -32.75 23.67 15.97
N GLY C 156 -33.36 22.91 16.87
CA GLY C 156 -33.49 21.48 16.66
C GLY C 156 -32.54 20.60 17.45
N PHE C 157 -31.59 21.20 18.18
CA PHE C 157 -30.64 20.40 18.94
C PHE C 157 -30.67 20.63 20.45
N SER C 158 -31.70 21.32 20.94
CA SER C 158 -31.79 21.58 22.37
C SER C 158 -31.86 20.31 23.20
N TRP C 159 -32.32 19.23 22.57
CA TRP C 159 -32.45 17.94 23.24
C TRP C 159 -31.09 17.28 23.50
N VAL C 160 -30.08 17.68 22.74
CA VAL C 160 -28.74 17.11 22.84
C VAL C 160 -28.01 17.46 24.14
N THR C 161 -27.34 16.47 24.72
CA THR C 161 -26.60 16.65 25.97
C THR C 161 -25.19 16.11 25.85
N PRO C 162 -24.18 16.99 25.84
CA PRO C 162 -22.78 16.55 25.73
C PRO C 162 -22.50 15.32 26.60
N CYS C 163 -22.32 14.18 25.93
CA CYS C 163 -22.08 12.91 26.61
C CYS C 163 -20.65 12.36 26.68
N ILE C 164 -19.74 12.87 25.85
CA ILE C 164 -18.36 12.40 25.91
C ILE C 164 -17.41 13.59 26.01
N SER C 165 -16.26 13.35 26.64
CA SER C 165 -15.27 14.40 26.79
C SER C 165 -14.13 14.12 25.82
N ALA C 166 -13.20 15.06 25.72
CA ALA C 166 -12.04 14.97 24.83
C ALA C 166 -11.12 13.78 25.10
N LYS C 167 -11.23 13.19 26.28
CA LYS C 167 -10.39 12.06 26.64
C LYS C 167 -11.04 10.72 26.30
N ASP C 168 -12.27 10.76 25.81
CA ASP C 168 -12.96 9.51 25.47
C ASP C 168 -13.08 9.27 23.96
N ILE C 169 -12.35 10.04 23.16
CA ILE C 169 -12.44 9.88 21.71
C ILE C 169 -11.08 9.76 21.00
N VAL C 170 -10.97 8.78 20.12
CA VAL C 170 -9.74 8.56 19.35
C VAL C 170 -10.04 8.57 17.84
N TYR C 171 -9.32 9.40 17.10
CA TYR C 171 -9.47 9.53 15.65
C TYR C 171 -8.40 8.69 14.95
N ILE C 172 -8.78 8.08 13.83
CA ILE C 172 -7.86 7.26 13.05
C ILE C 172 -8.12 7.46 11.55
N GLY C 173 -7.26 8.20 10.87
CA GLY C 173 -7.43 8.39 9.44
C GLY C 173 -7.44 9.83 9.03
N LEU C 174 -7.00 10.69 9.94
CA LEU C 174 -7.02 12.11 9.65
C LEU C 174 -6.00 12.52 8.60
N ARG C 175 -6.47 13.37 7.69
CA ARG C 175 -5.67 13.88 6.60
C ARG C 175 -6.28 15.14 5.99
N ASP C 176 -7.50 15.48 6.36
CA ASP C 176 -8.15 16.70 5.83
C ASP C 176 -8.87 17.40 6.96
N VAL C 177 -8.10 18.14 7.74
CA VAL C 177 -8.64 18.86 8.90
C VAL C 177 -8.54 20.36 8.67
N ASP C 178 -9.65 21.07 8.90
CA ASP C 178 -9.69 22.51 8.74
C ASP C 178 -8.90 23.18 9.87
N PRO C 179 -8.45 24.44 9.66
CA PRO C 179 -7.69 25.16 10.68
C PRO C 179 -8.43 25.19 12.04
N GLY C 180 -9.71 25.58 12.02
CA GLY C 180 -10.49 25.62 13.25
C GLY C 180 -10.51 24.28 13.97
N GLU C 181 -10.75 23.22 13.21
CA GLU C 181 -10.77 21.89 13.79
C GLU C 181 -9.40 21.54 14.37
N HIS C 182 -8.34 21.90 13.66
CA HIS C 182 -6.97 21.59 14.13
C HIS C 182 -6.63 22.38 15.40
N TYR C 183 -7.22 23.57 15.51
CA TYR C 183 -7.03 24.41 16.68
C TYR C 183 -7.77 23.72 17.84
N ILE C 184 -8.97 23.25 17.54
CA ILE C 184 -9.79 22.57 18.53
C ILE C 184 -9.19 21.25 19.05
N ILE C 185 -8.67 20.40 18.16
CA ILE C 185 -8.09 19.13 18.61
C ILE C 185 -6.80 19.32 19.40
N LYS C 186 -6.00 20.32 19.02
CA LYS C 186 -4.75 20.61 19.72
C LYS C 186 -5.09 21.24 21.08
N THR C 187 -5.96 22.25 21.05
CA THR C 187 -6.37 22.93 22.28
C THR C 187 -7.00 22.00 23.32
N LEU C 188 -7.91 21.14 22.87
CA LEU C 188 -8.58 20.21 23.78
C LEU C 188 -7.73 19.00 24.15
N GLY C 189 -6.59 18.82 23.48
CA GLY C 189 -5.71 17.70 23.78
C GLY C 189 -6.22 16.34 23.35
N ILE C 190 -7.13 16.33 22.38
CA ILE C 190 -7.72 15.11 21.85
C ILE C 190 -6.66 14.19 21.25
N LYS C 191 -6.81 12.89 21.46
CA LYS C 191 -5.87 11.91 20.93
C LYS C 191 -6.24 11.52 19.49
N TYR C 192 -5.25 11.54 18.60
CA TYR C 192 -5.51 11.20 17.21
C TYR C 192 -4.35 10.51 16.54
N PHE C 193 -4.68 9.81 15.47
CA PHE C 193 -3.71 9.12 14.64
C PHE C 193 -4.02 9.49 13.21
N SER C 194 -3.44 10.59 12.74
CA SER C 194 -3.65 11.00 11.37
C SER C 194 -2.84 10.01 10.53
N MET C 195 -2.93 10.12 9.21
CA MET C 195 -2.20 9.23 8.35
C MET C 195 -0.67 9.26 8.63
N THR C 196 -0.12 10.40 9.02
CA THR C 196 1.31 10.43 9.29
C THR C 196 1.64 9.48 10.44
N GLU C 197 0.78 9.42 11.46
CA GLU C 197 1.03 8.51 12.56
C GLU C 197 0.81 7.07 12.15
N VAL C 198 -0.11 6.84 11.22
CA VAL C 198 -0.35 5.49 10.72
C VAL C 198 0.87 5.02 9.91
N ASP C 199 1.48 5.92 9.15
CA ASP C 199 2.65 5.58 8.33
C ASP C 199 3.83 5.34 9.26
N LYS C 200 4.00 6.25 10.21
CA LYS C 200 5.10 6.17 11.16
C LYS C 200 5.07 4.89 12.00
N LEU C 201 3.95 4.66 12.67
CA LEU C 201 3.80 3.51 13.56
C LEU C 201 3.36 2.21 12.96
N GLY C 202 2.50 2.26 11.95
CA GLY C 202 1.98 1.03 11.38
C GLY C 202 0.64 0.84 12.07
N ILE C 203 -0.32 0.25 11.38
CA ILE C 203 -1.65 0.09 11.95
C ILE C 203 -1.63 -0.79 13.20
N GLY C 204 -0.70 -1.73 13.23
CA GLY C 204 -0.58 -2.60 14.39
C GLY C 204 -0.40 -1.83 15.68
N LYS C 205 0.65 -1.03 15.75
CA LYS C 205 0.93 -0.22 16.93
C LYS C 205 -0.19 0.79 17.18
N VAL C 206 -0.71 1.39 16.10
CA VAL C 206 -1.79 2.37 16.26
C VAL C 206 -2.94 1.81 17.09
N MET C 207 -3.40 0.60 16.78
CA MET C 207 -4.51 -0.02 17.53
C MET C 207 -4.10 -0.29 18.95
N GLU C 208 -2.89 -0.82 19.11
CA GLU C 208 -2.32 -1.13 20.42
C GLU C 208 -2.45 0.10 21.32
N GLU C 209 -2.03 1.25 20.78
CA GLU C 209 -2.07 2.50 21.51
C GLU C 209 -3.48 3.04 21.74
N THR C 210 -4.26 3.17 20.67
CA THR C 210 -5.61 3.70 20.84
C THR C 210 -6.34 3.03 22.04
N PHE C 211 -6.13 1.71 22.22
CA PHE C 211 -6.73 0.87 23.29
C PHE C 211 -6.14 1.08 24.70
N SER C 212 -4.82 1.11 24.83
CA SER C 212 -4.23 1.33 26.15
C SER C 212 -4.66 2.74 26.56
N TYR C 213 -4.80 3.61 25.57
CA TYR C 213 -5.23 4.98 25.83
C TYR C 213 -6.67 5.05 26.33
N LEU C 214 -7.56 4.29 25.68
CA LEU C 214 -8.98 4.29 26.04
C LEU C 214 -9.48 3.20 27.00
N LEU C 215 -8.76 2.08 27.09
CA LEU C 215 -9.21 0.97 27.91
C LEU C 215 -8.31 0.61 29.04
N GLY C 216 -7.07 1.06 28.94
CA GLY C 216 -6.09 0.77 29.96
C GLY C 216 -6.71 0.80 31.34
N ARG C 217 -7.01 1.98 31.87
CA ARG C 217 -7.60 2.09 33.22
C ARG C 217 -8.85 1.23 33.44
N LYS C 218 -9.96 1.60 32.80
CA LYS C 218 -11.21 0.86 32.92
C LYS C 218 -11.62 0.29 31.56
N LYS C 219 -12.29 -0.86 31.58
CA LYS C 219 -12.77 -1.48 30.37
C LYS C 219 -14.18 -0.92 30.20
N ARG C 220 -14.49 -0.40 29.03
CA ARG C 220 -15.81 0.18 28.83
C ARG C 220 -16.32 -0.02 27.41
N PRO C 221 -17.64 0.13 27.23
CA PRO C 221 -18.27 -0.02 25.92
C PRO C 221 -17.56 0.82 24.87
N ILE C 222 -17.35 0.25 23.70
CA ILE C 222 -16.69 0.98 22.60
C ILE C 222 -17.71 1.33 21.54
N HIS C 223 -17.70 2.57 21.10
CA HIS C 223 -18.59 2.99 20.02
C HIS C 223 -17.72 3.29 18.80
N LEU C 224 -17.93 2.56 17.71
CA LEU C 224 -17.15 2.79 16.51
C LEU C 224 -17.97 3.50 15.46
N SER C 225 -17.60 4.75 15.18
CA SER C 225 -18.27 5.57 14.19
C SER C 225 -17.35 5.54 12.97
N PHE C 226 -17.75 4.79 11.94
CA PHE C 226 -16.91 4.63 10.75
C PHE C 226 -17.31 5.44 9.52
N ASP C 227 -16.53 6.47 9.20
CA ASP C 227 -16.81 7.25 8.01
C ASP C 227 -16.06 6.52 6.91
N VAL C 228 -16.80 6.01 5.95
CA VAL C 228 -16.20 5.28 4.87
C VAL C 228 -15.10 6.07 4.16
N ASP C 229 -15.14 7.40 4.18
CA ASP C 229 -14.05 8.12 3.52
C ASP C 229 -12.72 8.05 4.21
N GLY C 230 -12.73 7.30 5.36
CA GLY C 230 -11.50 7.08 6.07
C GLY C 230 -10.55 6.20 5.30
N LEU C 231 -11.11 5.40 4.40
CA LEU C 231 -10.27 4.54 3.56
C LEU C 231 -9.92 5.37 2.37
N ASP C 232 -8.94 4.92 1.60
CA ASP C 232 -8.51 5.65 0.42
C ASP C 232 -9.59 5.53 -0.64
N PRO C 233 -9.76 6.58 -1.46
CA PRO C 233 -10.78 6.58 -2.54
C PRO C 233 -10.70 5.37 -3.45
N VAL C 234 -9.54 4.70 -3.47
CA VAL C 234 -9.39 3.53 -4.33
C VAL C 234 -10.19 2.36 -3.79
N PHE C 235 -10.55 2.44 -2.50
CA PHE C 235 -11.30 1.36 -1.86
C PHE C 235 -12.78 1.68 -1.66
N THR C 236 -13.06 2.93 -1.31
CA THR C 236 -14.41 3.37 -1.06
C THR C 236 -14.70 4.63 -1.86
N PRO C 237 -14.60 4.56 -3.19
CA PRO C 237 -14.84 5.71 -4.07
C PRO C 237 -16.22 6.38 -4.03
N ALA C 238 -17.27 5.60 -3.84
CA ALA C 238 -18.60 6.19 -3.82
C ALA C 238 -18.91 6.82 -2.49
N THR C 239 -18.37 8.03 -2.28
CA THR C 239 -18.54 8.83 -1.06
C THR C 239 -18.50 10.31 -1.44
N GLY C 240 -19.17 11.12 -0.65
CA GLY C 240 -19.20 12.54 -0.95
C GLY C 240 -17.91 13.34 -0.82
N THR C 241 -17.07 12.99 0.16
CA THR C 241 -15.83 13.72 0.35
C THR C 241 -14.57 12.84 0.41
N PRO C 242 -14.16 12.27 -0.75
CA PRO C 242 -12.96 11.42 -0.82
C PRO C 242 -11.67 12.21 -0.62
N VAL C 243 -10.66 11.59 -0.01
CA VAL C 243 -9.38 12.26 0.20
C VAL C 243 -8.27 11.23 -0.07
N VAL C 244 -7.40 11.54 -1.01
CA VAL C 244 -6.31 10.63 -1.37
C VAL C 244 -5.42 10.37 -0.19
N GLY C 245 -4.65 9.28 -0.26
CA GLY C 245 -3.75 8.93 0.81
C GLY C 245 -4.44 8.39 2.04
N GLY C 246 -5.55 7.68 1.83
CA GLY C 246 -6.28 7.14 2.97
C GLY C 246 -5.77 5.81 3.49
N LEU C 247 -6.49 5.27 4.45
CA LEU C 247 -6.18 3.96 5.02
C LEU C 247 -6.50 2.96 3.91
N SER C 248 -5.80 1.83 3.92
CA SER C 248 -6.03 0.78 2.95
C SER C 248 -7.13 -0.19 3.39
N TYR C 249 -7.56 -1.02 2.46
CA TYR C 249 -8.58 -2.01 2.76
C TYR C 249 -8.09 -2.88 3.91
N ARG C 250 -6.84 -3.33 3.81
CA ARG C 250 -6.24 -4.17 4.83
C ARG C 250 -6.26 -3.48 6.19
N GLU C 251 -5.74 -2.26 6.26
CA GLU C 251 -5.77 -1.56 7.53
C GLU C 251 -7.19 -1.39 8.13
N GLY C 252 -8.17 -1.17 7.27
CA GLY C 252 -9.54 -0.99 7.76
C GLY C 252 -10.05 -2.25 8.43
N LEU C 253 -9.84 -3.38 7.76
CA LEU C 253 -10.24 -4.66 8.33
C LEU C 253 -9.39 -4.98 9.57
N TYR C 254 -8.15 -4.48 9.63
CA TYR C 254 -7.34 -4.76 10.80
C TYR C 254 -8.02 -4.08 11.98
N ILE C 255 -8.36 -2.80 11.80
CA ILE C 255 -9.03 -2.01 12.80
C ILE C 255 -10.27 -2.72 13.31
N THR C 256 -11.12 -3.14 12.39
CA THR C 256 -12.33 -3.85 12.77
C THR C 256 -12.08 -5.24 13.36
N GLU C 257 -11.01 -5.90 12.95
CA GLU C 257 -10.68 -7.23 13.49
C GLU C 257 -10.24 -7.06 14.94
N GLU C 258 -9.46 -6.01 15.20
CA GLU C 258 -8.97 -5.73 16.54
C GLU C 258 -10.07 -5.27 17.48
N ILE C 259 -11.00 -4.46 16.96
CA ILE C 259 -12.09 -4.00 17.78
C ILE C 259 -12.99 -5.21 18.10
N TYR C 260 -13.11 -6.15 17.17
CA TYR C 260 -13.91 -7.35 17.43
C TYR C 260 -13.32 -8.17 18.57
N LYS C 261 -11.99 -8.34 18.56
CA LYS C 261 -11.30 -9.11 19.59
C LYS C 261 -11.44 -8.58 21.02
N THR C 262 -11.57 -7.26 21.20
CA THR C 262 -11.73 -6.73 22.55
C THR C 262 -13.01 -7.23 23.19
N GLY C 263 -13.99 -7.62 22.39
CA GLY C 263 -15.25 -8.08 22.94
C GLY C 263 -16.05 -6.95 23.56
N LEU C 264 -15.54 -5.73 23.38
CA LEU C 264 -16.20 -4.54 23.92
C LEU C 264 -17.06 -3.69 22.96
N LEU C 265 -17.17 -4.08 21.69
CA LEU C 265 -17.97 -3.29 20.74
C LEU C 265 -19.41 -3.22 21.23
N SER C 266 -19.91 -2.00 21.44
CA SER C 266 -21.27 -1.82 21.94
C SER C 266 -22.17 -1.00 20.99
N GLY C 267 -21.53 -0.22 20.12
CA GLY C 267 -22.26 0.59 19.15
C GLY C 267 -21.43 0.73 17.88
N LEU C 268 -22.09 0.84 16.75
CA LEU C 268 -21.39 0.95 15.47
C LEU C 268 -22.15 1.83 14.48
N ASP C 269 -21.42 2.55 13.63
CA ASP C 269 -22.00 3.39 12.59
C ASP C 269 -21.18 3.16 11.31
N ILE C 270 -21.86 2.97 10.18
CA ILE C 270 -21.23 2.74 8.89
C ILE C 270 -21.84 3.81 8.00
N MET C 271 -21.13 4.94 7.93
CA MET C 271 -21.60 6.13 7.25
C MET C 271 -20.93 6.55 5.96
N GLU C 272 -21.61 7.49 5.30
CA GLU C 272 -21.23 8.13 4.05
C GLU C 272 -21.18 7.29 2.79
N VAL C 273 -21.78 6.11 2.81
CA VAL C 273 -21.78 5.32 1.59
C VAL C 273 -22.85 5.95 0.69
N ASN C 274 -22.42 6.56 -0.42
CA ASN C 274 -23.36 7.21 -1.34
C ASN C 274 -23.40 6.48 -2.68
N PRO C 275 -24.31 5.52 -2.82
CA PRO C 275 -24.49 4.69 -4.02
C PRO C 275 -24.58 5.45 -5.35
N THR C 276 -24.92 6.74 -5.28
CA THR C 276 -25.06 7.51 -6.51
C THR C 276 -23.76 8.18 -6.96
N LEU C 277 -22.76 8.21 -6.09
CA LEU C 277 -21.47 8.84 -6.43
C LEU C 277 -20.50 7.93 -7.16
N GLY C 278 -20.91 6.71 -7.48
CA GLY C 278 -19.99 5.83 -8.17
C GLY C 278 -19.88 6.13 -9.67
N LYS C 279 -18.70 6.55 -10.12
CA LYS C 279 -18.47 6.85 -11.54
C LYS C 279 -18.80 5.67 -12.46
N THR C 280 -18.76 4.47 -11.89
CA THR C 280 -19.08 3.26 -12.63
C THR C 280 -19.76 2.33 -11.65
N PRO C 281 -20.67 1.49 -12.14
CA PRO C 281 -21.35 0.57 -11.24
C PRO C 281 -20.36 -0.15 -10.31
N GLU C 282 -19.19 -0.48 -10.85
CA GLU C 282 -18.15 -1.18 -10.10
C GLU C 282 -17.68 -0.38 -8.88
N GLU C 283 -17.54 0.92 -9.04
CA GLU C 283 -17.11 1.78 -7.95
C GLU C 283 -18.11 1.78 -6.77
N VAL C 284 -19.38 1.53 -7.08
CA VAL C 284 -20.40 1.49 -6.03
C VAL C 284 -20.38 0.13 -5.36
N THR C 285 -20.22 -0.90 -6.17
CA THR C 285 -20.14 -2.28 -5.70
C THR C 285 -18.91 -2.41 -4.78
N ARG C 286 -17.82 -1.80 -5.20
CA ARG C 286 -16.57 -1.84 -4.45
C ARG C 286 -16.78 -1.26 -3.06
N THR C 287 -17.34 -0.07 -3.02
CA THR C 287 -17.62 0.67 -1.81
C THR C 287 -18.56 -0.07 -0.88
N VAL C 288 -19.68 -0.50 -1.43
CA VAL C 288 -20.67 -1.25 -0.69
C VAL C 288 -20.10 -2.53 -0.10
N ASN C 289 -19.38 -3.31 -0.91
CA ASN C 289 -18.79 -4.57 -0.45
C ASN C 289 -17.80 -4.37 0.68
N THR C 290 -17.03 -3.30 0.60
CA THR C 290 -16.02 -3.00 1.60
C THR C 290 -16.68 -2.63 2.92
N ALA C 291 -17.76 -1.84 2.83
CA ALA C 291 -18.49 -1.41 4.01
C ALA C 291 -19.10 -2.66 4.66
N VAL C 292 -19.65 -3.56 3.84
CA VAL C 292 -20.22 -4.80 4.36
C VAL C 292 -19.13 -5.64 5.02
N ALA C 293 -17.96 -5.68 4.38
CA ALA C 293 -16.81 -6.43 4.85
C ALA C 293 -16.36 -5.97 6.24
N LEU C 294 -16.26 -4.65 6.40
CA LEU C 294 -15.88 -4.05 7.66
C LEU C 294 -16.89 -4.38 8.76
N THR C 295 -18.18 -4.33 8.40
CA THR C 295 -19.23 -4.63 9.37
C THR C 295 -19.15 -6.08 9.84
N LEU C 296 -18.95 -7.00 8.92
CA LEU C 296 -18.83 -8.42 9.26
C LEU C 296 -17.60 -8.67 10.09
N SER C 297 -16.54 -7.92 9.83
CA SER C 297 -15.29 -8.09 10.56
C SER C 297 -15.47 -7.64 12.01
N CYS C 298 -16.30 -6.62 12.21
CA CYS C 298 -16.57 -6.11 13.53
C CYS C 298 -17.25 -7.17 14.34
N PHE C 299 -17.91 -8.10 13.66
CA PHE C 299 -18.64 -9.13 14.36
C PHE C 299 -18.10 -10.56 14.27
N GLY C 300 -16.79 -10.72 14.10
CA GLY C 300 -16.21 -12.06 14.05
C GLY C 300 -15.46 -12.59 12.83
N THR C 301 -15.90 -12.24 11.64
CA THR C 301 -15.22 -12.71 10.42
C THR C 301 -13.75 -12.37 10.47
N LYS C 302 -12.91 -13.40 10.47
CA LYS C 302 -11.46 -13.22 10.49
C LYS C 302 -10.86 -13.59 9.12
N ARG C 303 -9.89 -12.82 8.66
CA ARG C 303 -9.26 -13.14 7.39
C ARG C 303 -8.50 -14.47 7.46
N GLU C 304 -8.17 -14.90 8.68
CA GLU C 304 -7.46 -16.17 8.84
C GLU C 304 -8.49 -17.30 8.72
N GLY C 305 -9.78 -16.95 8.72
CA GLY C 305 -10.83 -17.95 8.61
C GLY C 305 -11.68 -18.12 9.87
N ASN C 306 -12.76 -18.89 9.75
CA ASN C 306 -13.69 -19.16 10.85
C ASN C 306 -14.27 -20.56 10.71
N HIS C 307 -14.55 -21.21 11.83
CA HIS C 307 -15.16 -22.54 11.83
C HIS C 307 -16.07 -22.63 13.05
N LYS C 308 -17.19 -23.32 12.90
CA LYS C 308 -18.14 -23.45 14.00
C LYS C 308 -17.67 -24.39 15.10
N PRO C 309 -17.86 -23.97 16.37
CA PRO C 309 -17.48 -24.71 17.57
C PRO C 309 -18.20 -26.04 17.69
N GLU C 310 -17.58 -26.97 18.40
CA GLU C 310 -18.17 -28.28 18.62
C GLU C 310 -18.43 -29.10 17.36
N THR C 311 -17.96 -28.61 16.21
CA THR C 311 -18.16 -29.33 14.96
C THR C 311 -16.84 -29.92 14.48
N ASP C 312 -16.80 -31.25 14.35
CA ASP C 312 -15.63 -31.97 13.90
C ASP C 312 -15.71 -32.16 12.39
N TYR C 313 -15.04 -31.27 11.65
CA TYR C 313 -15.07 -31.32 10.20
C TYR C 313 -14.34 -32.52 9.62
N LEU C 314 -13.76 -33.34 10.50
CA LEU C 314 -13.04 -34.54 10.08
C LEU C 314 -13.81 -35.81 10.46
MN MN D . -5.20 -19.18 -4.56
MN MN E . -3.36 -21.97 -4.82
CA DIR F . -11.40 -22.53 -2.46
CB DIR F . -9.90 -22.26 -2.78
N DIR F . -11.27 -23.17 -1.12
C DIR F . -11.93 -23.71 -3.34
NG DIR F . -9.73 -21.37 -3.94
CD DIR F . -8.47 -21.13 -4.49
OXT DIR F . -12.21 -23.74 -4.51
O DIR F . -12.01 -24.85 -2.58
NH1 DIR F . -7.34 -21.69 -4.12
NH2 DIR F . -8.48 -20.21 -5.50
OH1 DIR F . -6.22 -21.37 -4.76
MN MN G . 14.93 8.36 -11.19
MN MN H . 16.87 11.05 -10.67
CA DIR I . 19.72 4.76 -15.45
CB DIR I . 19.10 5.76 -14.44
N DIR I . 20.93 4.31 -14.69
C DIR I . 20.36 5.52 -16.65
NG DIR I . 17.73 6.16 -14.81
CD DIR I . 17.05 7.18 -14.11
OXT DIR I . 19.84 6.10 -17.56
O DIR I . 21.70 5.53 -16.50
NH1 DIR I . 17.52 7.94 -13.15
NH2 DIR I . 15.75 7.34 -14.52
OH1 DIR I . 16.76 8.88 -12.61
MN MN J . -15.18 12.23 6.34
MN MN K . -17.38 11.90 8.88
CA DIR L . -14.93 19.54 6.28
CB DIR L . -15.19 18.09 6.74
N DIR L . -14.35 20.13 7.53
C DIR L . -16.26 20.32 6.17
NG DIR L . -15.53 17.20 5.60
CD DIR L . -15.95 15.88 5.83
OXT DIR L . -17.13 20.27 5.33
O DIR L . -16.38 21.12 7.26
NH1 DIR L . -16.19 15.30 6.99
NH2 DIR L . -16.11 15.16 4.66
OH1 DIR L . -16.62 14.05 7.00
#